data_5KH2
#
_entry.id   5KH2
#
_cell.length_a   59.687
_cell.length_b   118.029
_cell.length_c   178.326
_cell.angle_alpha   90.00
_cell.angle_beta   90.00
_cell.angle_gamma   90.00
#
_symmetry.space_group_name_H-M   'P 21 21 21'
#
loop_
_entity.id
_entity.type
_entity.pdbx_description
1 polymer 'Isoprenyl transferase'
2 water water
#
_entity_poly.entity_id   1
_entity_poly.type   'polypeptide(L)'
_entity_poly.pdbx_seq_one_letter_code
;MGSSHHHHHHSSGLVPRGSHMFGFFKKDKAVEVEVPTQVPAHIGIIMDGNGRWAKKRMQPRVFGHKAGMEALQTVTKAAN
KLGVKVITVYAFSTENWTRPDQEVKFIMNLPVEFYDNYVPELHANNVKIQMIGETDRLPKQTFEALTKAEELTKNNTGLI
LNFALNYGGRAEITQALKLISQDVLDAKINPGDITEELIGNYLFTQHLPKDLRDPDLIIRTSGELRLSNFLPWQGAYSEL
YFTDTLWPDFDEAALQEAILAYNRRHRRFGGV
;
_entity_poly.pdbx_strand_id   A,B,C,D
#
# COMPACT_ATOMS: atom_id res chain seq x y z
N GLN A 38 -20.52 34.17 5.30
CA GLN A 38 -19.71 33.22 6.14
C GLN A 38 -19.31 31.96 5.35
N VAL A 39 -18.22 32.09 4.58
CA VAL A 39 -17.68 31.01 3.76
C VAL A 39 -16.24 30.72 4.20
N PRO A 40 -15.88 29.44 4.41
CA PRO A 40 -14.48 29.13 4.75
C PRO A 40 -13.55 29.36 3.56
N ALA A 41 -12.43 30.05 3.80
CA ALA A 41 -11.53 30.46 2.72
C ALA A 41 -10.74 29.30 2.09
N HIS A 42 -10.35 28.32 2.91
CA HIS A 42 -9.58 27.17 2.46
C HIS A 42 -10.26 25.89 2.96
N ILE A 43 -10.70 25.05 2.03
CA ILE A 43 -11.33 23.76 2.34
C ILE A 43 -10.47 22.60 1.84
N GLY A 44 -10.04 21.73 2.76
CA GLY A 44 -9.40 20.46 2.40
C GLY A 44 -10.46 19.42 2.12
N ILE A 45 -10.22 18.55 1.14
CA ILE A 45 -11.17 17.50 0.77
C ILE A 45 -10.44 16.18 0.51
N ILE A 46 -10.78 15.15 1.28
CA ILE A 46 -10.27 13.80 1.04
C ILE A 46 -11.33 13.06 0.22
N MET A 47 -11.02 12.85 -1.05
CA MET A 47 -11.96 12.28 -2.02
C MET A 47 -11.88 10.75 -1.93
N ASP A 48 -12.75 10.15 -1.12
CA ASP A 48 -12.78 8.70 -0.90
C ASP A 48 -14.14 8.15 -1.37
N GLY A 49 -14.13 6.89 -1.80
CA GLY A 49 -15.35 6.16 -2.14
C GLY A 49 -15.60 5.92 -3.63
N ASN A 50 -14.63 6.24 -4.48
CA ASN A 50 -14.78 6.02 -5.93
C ASN A 50 -14.96 4.55 -6.29
N GLY A 51 -14.14 3.69 -5.68
CA GLY A 51 -14.24 2.24 -5.88
C GLY A 51 -15.55 1.65 -5.40
N ARG A 52 -15.95 2.01 -4.18
CA ARG A 52 -17.25 1.59 -3.62
C ARG A 52 -18.43 2.03 -4.50
N TRP A 53 -18.36 3.25 -5.01
CA TRP A 53 -19.39 3.80 -5.91
C TRP A 53 -19.55 2.97 -7.19
N ALA A 54 -18.43 2.59 -7.79
CA ALA A 54 -18.43 1.78 -9.01
C ALA A 54 -18.93 0.34 -8.77
N LYS A 55 -18.45 -0.28 -7.69
CA LYS A 55 -18.85 -1.64 -7.32
C LYS A 55 -20.34 -1.76 -6.95
N LYS A 56 -20.89 -0.69 -6.36
CA LYS A 56 -22.33 -0.62 -6.06
C LYS A 56 -23.21 -0.66 -7.31
N ARG A 57 -22.71 -0.09 -8.41
CA ARG A 57 -23.42 -0.07 -9.70
C ARG A 57 -23.03 -1.20 -10.67
N MET A 58 -22.34 -2.24 -10.16
CA MET A 58 -21.88 -3.38 -10.97
C MET A 58 -21.03 -2.97 -12.18
N GLN A 59 -20.23 -1.91 -12.00
CA GLN A 59 -19.39 -1.34 -13.06
C GLN A 59 -17.93 -1.45 -12.65
N PRO A 60 -16.99 -1.36 -13.62
CA PRO A 60 -15.57 -1.46 -13.27
C PRO A 60 -15.05 -0.23 -12.50
N ARG A 61 -13.97 -0.42 -11.75
CA ARG A 61 -13.38 0.63 -10.91
C ARG A 61 -13.07 1.94 -11.67
N VAL A 62 -12.68 1.82 -12.93
CA VAL A 62 -12.36 2.97 -13.80
C VAL A 62 -13.55 3.93 -13.89
N PHE A 63 -14.76 3.36 -14.02
CA PHE A 63 -16.01 4.13 -14.09
C PHE A 63 -16.19 5.04 -12.88
N GLY A 64 -15.83 4.54 -11.69
CA GLY A 64 -15.89 5.31 -10.45
C GLY A 64 -14.99 6.53 -10.43
N HIS A 65 -13.78 6.39 -10.96
CA HIS A 65 -12.81 7.50 -10.99
C HIS A 65 -13.16 8.59 -12.00
N LYS A 66 -13.79 8.23 -13.12
CA LYS A 66 -14.32 9.22 -14.07
C LYS A 66 -15.46 10.02 -13.44
N ALA A 67 -16.35 9.33 -12.71
CA ALA A 67 -17.39 9.99 -11.93
C ALA A 67 -16.82 10.87 -10.81
N GLY A 68 -15.69 10.45 -10.24
CA GLY A 68 -14.94 11.27 -9.28
C GLY A 68 -14.42 12.59 -9.84
N MET A 69 -13.93 12.57 -11.09
CA MET A 69 -13.49 13.79 -11.78
C MET A 69 -14.66 14.75 -12.07
N GLU A 70 -15.83 14.19 -12.42
CA GLU A 70 -17.05 14.99 -12.58
C GLU A 70 -17.45 15.68 -11.27
N ALA A 71 -17.40 14.92 -10.17
CA ALA A 71 -17.68 15.47 -8.84
C ALA A 71 -16.74 16.63 -8.52
N LEU A 72 -15.44 16.43 -8.78
CA LEU A 72 -14.43 17.48 -8.57
C LEU A 72 -14.70 18.72 -9.40
N GLN A 73 -15.10 18.54 -10.65
CA GLN A 73 -15.45 19.66 -11.53
C GLN A 73 -16.63 20.45 -10.97
N THR A 74 -17.69 19.74 -10.59
CA THR A 74 -18.87 20.34 -9.95
C THR A 74 -18.51 21.12 -8.68
N VAL A 75 -17.74 20.48 -7.80
CA VAL A 75 -17.33 21.08 -6.52
C VAL A 75 -16.40 22.28 -6.71
N THR A 76 -15.45 22.16 -7.62
CA THR A 76 -14.52 23.25 -7.95
C THR A 76 -15.26 24.49 -8.47
N LYS A 77 -16.16 24.30 -9.43
CA LYS A 77 -16.97 25.41 -9.99
C LYS A 77 -17.85 26.06 -8.92
N ALA A 78 -18.54 25.23 -8.14
CA ALA A 78 -19.46 25.72 -7.09
C ALA A 78 -18.72 26.46 -5.97
N ALA A 79 -17.59 25.91 -5.53
CA ALA A 79 -16.77 26.56 -4.51
C ALA A 79 -16.27 27.93 -4.98
N ASN A 80 -15.78 27.97 -6.22
CA ASN A 80 -15.36 29.23 -6.87
C ASN A 80 -16.49 30.27 -6.91
N LYS A 81 -17.70 29.81 -7.24
CA LYS A 81 -18.88 30.69 -7.25
C LYS A 81 -19.21 31.25 -5.86
N LEU A 82 -19.15 30.39 -4.84
CA LEU A 82 -19.47 30.79 -3.46
C LEU A 82 -18.42 31.69 -2.78
N GLY A 83 -17.24 31.82 -3.38
CA GLY A 83 -16.18 32.70 -2.87
C GLY A 83 -15.12 32.01 -2.04
N VAL A 84 -14.98 30.68 -2.19
CA VAL A 84 -13.91 29.93 -1.55
C VAL A 84 -12.61 30.26 -2.28
N LYS A 85 -11.54 30.51 -1.52
CA LYS A 85 -10.26 30.95 -2.08
C LYS A 85 -9.36 29.77 -2.48
N VAL A 86 -9.35 28.72 -1.66
CA VAL A 86 -8.50 27.54 -1.90
C VAL A 86 -9.28 26.26 -1.63
N ILE A 87 -9.11 25.26 -2.50
CA ILE A 87 -9.47 23.88 -2.16
C ILE A 87 -8.27 22.98 -2.44
N THR A 88 -7.89 22.22 -1.41
CA THR A 88 -6.84 21.23 -1.53
C THR A 88 -7.50 19.86 -1.55
N VAL A 89 -7.32 19.12 -2.64
CA VAL A 89 -7.99 17.84 -2.83
C VAL A 89 -7.00 16.70 -2.80
N TYR A 90 -7.39 15.61 -2.14
CA TYR A 90 -6.53 14.45 -1.93
C TYR A 90 -7.29 13.21 -2.37
N ALA A 91 -6.76 12.52 -3.38
CA ALA A 91 -7.34 11.28 -3.88
C ALA A 91 -6.77 10.11 -3.09
N PHE A 92 -7.59 9.57 -2.17
CA PHE A 92 -7.18 8.49 -1.27
C PHE A 92 -8.25 7.40 -1.20
N SER A 93 -7.84 6.18 -0.83
CA SER A 93 -8.76 5.04 -0.67
C SER A 93 -8.26 4.06 0.38
N ARG A 99 -4.90 -4.42 -3.26
CA ARG A 99 -4.43 -4.12 -4.61
C ARG A 99 -3.93 -2.67 -4.73
N PRO A 100 -2.83 -2.32 -4.03
CA PRO A 100 -2.30 -0.95 -4.04
C PRO A 100 -1.68 -0.52 -5.38
N ASP A 101 -1.13 -1.46 -6.14
CA ASP A 101 -0.65 -1.20 -7.51
C ASP A 101 -1.74 -0.65 -8.44
N GLN A 102 -2.98 -1.12 -8.26
CA GLN A 102 -4.12 -0.63 -9.04
C GLN A 102 -4.45 0.81 -8.67
N GLU A 103 -4.52 1.09 -7.37
CA GLU A 103 -4.84 2.43 -6.85
C GLU A 103 -3.83 3.50 -7.27
N VAL A 104 -2.55 3.14 -7.37
CA VAL A 104 -1.50 4.07 -7.82
C VAL A 104 -1.66 4.46 -9.30
N LYS A 105 -2.13 3.52 -10.13
CA LYS A 105 -2.35 3.78 -11.56
C LYS A 105 -3.47 4.81 -11.80
N PHE A 106 -4.54 4.72 -11.01
CA PHE A 106 -5.67 5.65 -11.12
C PHE A 106 -5.33 7.07 -10.67
N ILE A 107 -4.62 7.19 -9.56
CA ILE A 107 -4.16 8.50 -9.05
C ILE A 107 -3.22 9.20 -10.04
N MET A 108 -2.32 8.43 -10.65
CA MET A 108 -1.39 8.97 -11.65
C MET A 108 -2.05 9.22 -13.01
N ASN A 109 -3.05 8.43 -13.38
CA ASN A 109 -3.83 8.71 -14.60
C ASN A 109 -4.71 9.98 -14.50
N LEU A 110 -5.06 10.39 -13.28
CA LEU A 110 -5.98 11.51 -13.03
C LEU A 110 -5.65 12.83 -13.77
N PRO A 111 -4.42 13.38 -13.60
CA PRO A 111 -4.11 14.69 -14.19
C PRO A 111 -4.03 14.70 -15.72
N VAL A 112 -3.77 13.55 -16.35
CA VAL A 112 -3.75 13.42 -17.80
C VAL A 112 -5.17 13.59 -18.33
N GLU A 113 -6.09 12.76 -17.81
CA GLU A 113 -7.51 12.84 -18.19
C GLU A 113 -8.16 14.16 -17.77
N PHE A 114 -7.79 14.68 -16.59
CA PHE A 114 -8.36 15.94 -16.10
C PHE A 114 -7.96 17.12 -16.98
N TYR A 115 -6.73 17.11 -17.50
CA TYR A 115 -6.28 18.15 -18.42
C TYR A 115 -7.09 18.17 -19.72
N ASP A 116 -7.33 17.00 -20.30
CA ASP A 116 -8.01 16.89 -21.58
C ASP A 116 -9.49 17.25 -21.48
N ASN A 117 -10.15 16.73 -20.43
CA ASN A 117 -11.61 16.76 -20.34
C ASN A 117 -12.23 17.80 -19.41
N TYR A 118 -11.42 18.44 -18.56
CA TYR A 118 -11.95 19.33 -17.51
C TYR A 118 -11.24 20.69 -17.32
N VAL A 119 -9.93 20.72 -17.49
CA VAL A 119 -9.12 21.93 -17.20
C VAL A 119 -9.49 23.16 -18.04
N PRO A 120 -9.73 22.99 -19.36
CA PRO A 120 -10.21 24.12 -20.18
C PRO A 120 -11.41 24.87 -19.58
N GLU A 121 -12.41 24.14 -19.08
CA GLU A 121 -13.57 24.77 -18.45
C GLU A 121 -13.21 25.47 -17.13
N LEU A 122 -12.26 24.90 -16.38
CA LEU A 122 -11.75 25.56 -15.16
C LEU A 122 -10.98 26.83 -15.48
N HIS A 123 -10.18 26.80 -16.54
CA HIS A 123 -9.47 27.99 -17.02
C HIS A 123 -10.44 29.10 -17.42
N ALA A 124 -11.52 28.74 -18.13
CA ALA A 124 -12.58 29.69 -18.50
C ALA A 124 -13.32 30.28 -17.28
N ASN A 125 -13.38 29.51 -16.19
CA ASN A 125 -13.95 29.98 -14.92
C ASN A 125 -12.96 30.72 -13.99
N ASN A 126 -11.78 31.05 -14.49
CA ASN A 126 -10.75 31.80 -13.76
C ASN A 126 -10.20 31.05 -12.52
N VAL A 127 -10.10 29.73 -12.64
CA VAL A 127 -9.61 28.87 -11.54
C VAL A 127 -8.12 28.60 -11.78
N LYS A 128 -7.32 28.83 -10.75
CA LYS A 128 -5.88 28.53 -10.78
C LYS A 128 -5.63 27.10 -10.32
N ILE A 129 -4.85 26.35 -11.08
CA ILE A 129 -4.53 24.97 -10.76
C ILE A 129 -3.08 24.86 -10.28
N GLN A 130 -2.88 24.20 -9.14
CA GLN A 130 -1.55 23.92 -8.60
C GLN A 130 -1.48 22.50 -8.03
N MET A 131 -0.27 21.95 -7.98
CA MET A 131 -0.03 20.61 -7.45
C MET A 131 0.84 20.72 -6.20
N ILE A 132 0.52 19.91 -5.18
CA ILE A 132 1.43 19.67 -4.05
C ILE A 132 1.73 18.18 -3.95
N GLY A 133 2.93 17.86 -3.48
CA GLY A 133 3.43 16.49 -3.42
C GLY A 133 4.79 16.37 -4.06
N GLU A 134 5.27 15.14 -4.20
CA GLU A 134 6.60 14.86 -4.75
C GLU A 134 6.50 14.65 -6.26
N THR A 135 7.22 15.49 -7.01
CA THR A 135 7.21 15.44 -8.47
C THR A 135 8.23 14.45 -9.06
N ASP A 136 9.39 14.34 -8.41
CA ASP A 136 10.52 13.53 -8.88
C ASP A 136 10.17 12.11 -9.33
N ARG A 137 9.24 11.48 -8.61
CA ARG A 137 8.82 10.10 -8.89
C ARG A 137 7.55 9.98 -9.76
N LEU A 138 7.21 11.02 -10.52
CA LEU A 138 6.03 10.98 -11.40
C LEU A 138 6.40 10.39 -12.77
N PRO A 139 5.42 9.75 -13.45
CA PRO A 139 5.61 9.42 -14.89
C PRO A 139 5.75 10.65 -15.78
N LYS A 140 6.23 10.46 -17.01
CA LYS A 140 6.48 11.59 -17.92
C LYS A 140 5.19 12.27 -18.38
N GLN A 141 4.21 11.47 -18.80
CA GLN A 141 2.92 12.00 -19.28
C GLN A 141 2.14 12.74 -18.19
N THR A 142 2.30 12.31 -16.94
CA THR A 142 1.62 12.91 -15.80
C THR A 142 2.22 14.26 -15.43
N PHE A 143 3.55 14.31 -15.36
CA PHE A 143 4.29 15.54 -15.05
C PHE A 143 4.01 16.62 -16.09
N GLU A 144 3.98 16.23 -17.37
CA GLU A 144 3.66 17.16 -18.46
C GLU A 144 2.21 17.69 -18.38
N ALA A 145 1.26 16.82 -18.02
CA ALA A 145 -0.14 17.21 -17.88
C ALA A 145 -0.39 18.16 -16.70
N LEU A 146 0.32 17.94 -15.58
CA LEU A 146 0.24 18.83 -14.42
C LEU A 146 0.84 20.19 -14.72
N THR A 147 2.03 20.21 -15.33
CA THR A 147 2.73 21.45 -15.63
C THR A 147 1.99 22.28 -16.68
N LYS A 148 1.43 21.62 -17.69
CA LYS A 148 0.56 22.29 -18.68
C LYS A 148 -0.68 22.90 -18.02
N ALA A 149 -1.26 22.19 -17.06
CA ALA A 149 -2.41 22.70 -16.29
C ALA A 149 -2.03 23.89 -15.42
N GLU A 150 -0.83 23.84 -14.82
CA GLU A 150 -0.31 24.95 -14.02
C GLU A 150 0.00 26.17 -14.89
N GLU A 151 0.81 25.97 -15.92
CA GLU A 151 1.22 27.05 -16.82
C GLU A 151 0.03 27.76 -17.49
N LEU A 152 -0.98 26.99 -17.90
CA LEU A 152 -2.22 27.53 -18.45
C LEU A 152 -2.90 28.51 -17.49
N THR A 153 -3.04 28.10 -16.23
CA THR A 153 -3.89 28.79 -15.27
C THR A 153 -3.15 29.69 -14.27
N LYS A 154 -1.85 29.91 -14.47
CA LYS A 154 -1.01 30.58 -13.44
C LYS A 154 -1.33 32.06 -13.18
N ASN A 155 -1.95 32.74 -14.14
CA ASN A 155 -2.34 34.14 -13.97
C ASN A 155 -3.76 34.33 -13.42
N ASN A 156 -4.51 33.23 -13.28
CA ASN A 156 -5.90 33.30 -12.85
C ASN A 156 -6.03 33.76 -11.40
N THR A 157 -7.03 34.58 -11.15
CA THR A 157 -7.22 35.26 -9.86
C THR A 157 -8.42 34.75 -9.07
N GLY A 158 -9.09 33.69 -9.53
CA GLY A 158 -10.19 33.08 -8.79
C GLY A 158 -9.67 32.00 -7.85
N LEU A 159 -10.55 31.03 -7.54
CA LEU A 159 -10.23 29.89 -6.67
C LEU A 159 -8.93 29.19 -7.08
N ILE A 160 -8.13 28.81 -6.09
CA ILE A 160 -6.93 28.00 -6.32
C ILE A 160 -7.26 26.53 -6.05
N LEU A 161 -7.33 25.73 -7.11
CA LEU A 161 -7.50 24.28 -6.99
C LEU A 161 -6.13 23.64 -6.78
N ASN A 162 -5.91 23.14 -5.56
CA ASN A 162 -4.64 22.54 -5.17
C ASN A 162 -4.74 21.00 -5.13
N PHE A 163 -4.13 20.35 -6.13
CA PHE A 163 -4.11 18.88 -6.20
C PHE A 163 -3.02 18.30 -5.32
N ALA A 164 -3.41 17.48 -4.34
CA ALA A 164 -2.44 16.70 -3.57
C ALA A 164 -2.29 15.33 -4.25
N LEU A 165 -1.18 15.16 -4.95
CA LEU A 165 -0.86 13.92 -5.66
C LEU A 165 0.53 13.46 -5.27
N ASN A 166 0.70 12.15 -5.05
CA ASN A 166 1.94 11.60 -4.53
C ASN A 166 2.32 12.33 -3.23
N TYR A 167 1.30 12.59 -2.41
CA TYR A 167 1.43 13.45 -1.24
C TYR A 167 1.33 12.62 0.04
N GLY A 168 2.21 12.94 0.98
CA GLY A 168 2.09 12.49 2.36
C GLY A 168 2.57 13.59 3.29
N GLY A 169 1.77 13.87 4.32
CA GLY A 169 2.08 14.90 5.32
C GLY A 169 3.41 14.79 6.03
N ARG A 170 3.69 13.61 6.57
CA ARG A 170 4.98 13.33 7.19
C ARG A 170 6.12 13.51 6.20
N ALA A 171 5.93 13.00 4.98
CA ALA A 171 6.92 13.14 3.92
C ALA A 171 7.16 14.62 3.55
N GLU A 172 6.08 15.39 3.46
CA GLU A 172 6.15 16.84 3.24
C GLU A 172 6.98 17.54 4.30
N ILE A 173 6.71 17.23 5.56
CA ILE A 173 7.46 17.81 6.70
C ILE A 173 8.92 17.37 6.67
N THR A 174 9.16 16.12 6.31
CA THR A 174 10.52 15.57 6.19
C THR A 174 11.30 16.27 5.07
N GLN A 175 10.66 16.45 3.91
CA GLN A 175 11.27 17.15 2.79
C GLN A 175 11.55 18.62 3.13
N ALA A 176 10.69 19.24 3.93
CA ALA A 176 10.90 20.59 4.41
C ALA A 176 12.14 20.69 5.29
N LEU A 177 12.33 19.71 6.17
CA LEU A 177 13.52 19.64 7.01
C LEU A 177 14.81 19.50 6.18
N LYS A 178 14.79 18.62 5.18
CA LYS A 178 15.94 18.46 4.27
C LYS A 178 16.40 19.78 3.66
N LEU A 179 15.44 20.58 3.20
CA LEU A 179 15.73 21.90 2.62
C LEU A 179 16.20 22.90 3.67
N ILE A 180 15.58 22.88 4.85
CA ILE A 180 15.99 23.73 5.97
C ILE A 180 17.39 23.36 6.47
N SER A 181 17.63 22.07 6.66
CA SER A 181 18.94 21.52 7.04
C SER A 181 20.06 21.94 6.07
N GLN A 182 19.78 21.88 4.76
CA GLN A 182 20.72 22.28 3.73
C GLN A 182 20.99 23.79 3.73
N ASP A 183 19.95 24.58 4.01
CA ASP A 183 20.11 26.04 4.18
C ASP A 183 20.90 26.43 5.45
N VAL A 184 20.85 25.58 6.48
CA VAL A 184 21.70 25.76 7.68
C VAL A 184 23.18 25.48 7.34
N LEU A 185 23.45 24.43 6.56
CA LEU A 185 24.82 24.12 6.11
C LEU A 185 25.38 25.18 5.14
N ASP A 186 24.52 25.70 4.26
CA ASP A 186 24.90 26.80 3.36
C ASP A 186 25.01 28.17 4.05
N ALA A 187 24.59 28.26 5.32
CA ALA A 187 24.67 29.48 6.13
C ALA A 187 23.71 30.59 5.69
N LYS A 188 22.62 30.21 5.02
CA LYS A 188 21.53 31.15 4.70
C LYS A 188 20.68 31.46 5.93
N ILE A 189 20.59 30.49 6.85
CA ILE A 189 19.87 30.65 8.11
C ILE A 189 20.60 29.99 9.28
N ASN A 190 20.23 30.39 10.48
CA ASN A 190 20.69 29.79 11.74
C ASN A 190 19.65 28.75 12.17
N PRO A 191 20.06 27.73 12.96
CA PRO A 191 19.06 26.89 13.64
C PRO A 191 18.12 27.67 14.57
N GLY A 192 18.60 28.76 15.19
CA GLY A 192 17.78 29.68 15.97
C GLY A 192 16.63 30.34 15.20
N ASP A 193 16.83 30.54 13.89
CA ASP A 193 15.78 31.09 13.02
C ASP A 193 14.64 30.11 12.70
N ILE A 194 14.82 28.81 13.00
CA ILE A 194 13.79 27.80 12.77
C ILE A 194 12.64 27.96 13.76
N THR A 195 11.54 28.52 13.26
CA THR A 195 10.30 28.72 14.00
C THR A 195 9.15 28.14 13.20
N GLU A 196 7.96 28.11 13.80
CA GLU A 196 6.73 27.68 13.13
C GLU A 196 6.47 28.41 11.82
N GLU A 197 6.68 29.73 11.82
CA GLU A 197 6.49 30.54 10.61
C GLU A 197 7.48 30.16 9.50
N LEU A 198 8.74 29.90 9.86
CA LEU A 198 9.74 29.47 8.89
C LEU A 198 9.37 28.15 8.23
N ILE A 199 8.98 27.17 9.06
CA ILE A 199 8.60 25.85 8.56
C ILE A 199 7.46 25.95 7.53
N GLY A 200 6.47 26.80 7.81
CA GLY A 200 5.39 27.09 6.86
C GLY A 200 5.86 27.52 5.48
N ASN A 201 6.93 28.31 5.42
CA ASN A 201 7.52 28.73 4.14
C ASN A 201 8.23 27.61 3.35
N TYR A 202 8.56 26.49 4.00
CA TYR A 202 9.22 25.35 3.36
C TYR A 202 8.30 24.16 3.02
N LEU A 203 7.05 24.17 3.50
CA LEU A 203 6.07 23.13 3.17
C LEU A 203 5.57 23.32 1.73
N PHE A 204 4.90 22.30 1.19
CA PHE A 204 4.39 22.35 -0.19
C PHE A 204 3.29 23.39 -0.40
N THR A 205 2.65 23.82 0.69
CA THR A 205 1.66 24.90 0.66
C THR A 205 2.25 26.31 0.70
N GLN A 206 3.58 26.44 0.69
CA GLN A 206 4.26 27.75 0.68
C GLN A 206 3.82 28.67 -0.46
N HIS A 207 3.50 28.07 -1.62
CA HIS A 207 3.11 28.81 -2.82
C HIS A 207 1.73 29.47 -2.71
N LEU A 208 0.90 29.00 -1.76
CA LEU A 208 -0.35 29.69 -1.43
C LEU A 208 -0.04 30.97 -0.65
N PRO A 209 -0.92 32.00 -0.76
CA PRO A 209 -0.75 33.21 0.06
C PRO A 209 -0.74 32.91 1.55
N LYS A 210 -0.01 33.72 2.32
CA LYS A 210 0.31 33.40 3.72
C LYS A 210 -0.91 33.25 4.63
N ASP A 211 -1.96 34.03 4.38
CA ASP A 211 -3.19 33.99 5.18
C ASP A 211 -4.16 32.85 4.78
N LEU A 212 -3.86 32.15 3.68
CA LEU A 212 -4.71 31.07 3.17
C LEU A 212 -4.07 29.67 3.20
N ARG A 213 -2.85 29.55 3.71
CA ARG A 213 -2.11 28.27 3.69
C ARG A 213 -2.77 27.12 4.45
N ASP A 214 -3.46 27.44 5.54
CA ASP A 214 -4.04 26.42 6.43
C ASP A 214 -5.54 26.26 6.18
N PRO A 215 -6.02 25.01 5.93
CA PRO A 215 -7.45 24.78 5.77
C PRO A 215 -8.27 25.17 7.02
N ASP A 216 -9.38 25.85 6.80
CA ASP A 216 -10.33 26.16 7.86
C ASP A 216 -11.24 24.97 8.12
N LEU A 217 -11.48 24.20 7.06
CA LEU A 217 -12.36 23.05 7.10
C LEU A 217 -11.70 21.91 6.32
N ILE A 218 -11.80 20.69 6.83
CA ILE A 218 -11.36 19.50 6.11
C ILE A 218 -12.54 18.55 6.02
N ILE A 219 -12.90 18.17 4.79
CA ILE A 219 -14.01 17.26 4.52
C ILE A 219 -13.45 15.88 4.15
N ARG A 220 -14.05 14.84 4.72
CA ARG A 220 -13.79 13.48 4.26
C ARG A 220 -15.08 12.73 3.93
N THR A 221 -15.09 12.09 2.77
CA THR A 221 -16.22 11.33 2.27
C THR A 221 -16.01 9.84 2.54
N SER A 222 -17.06 9.05 2.28
CA SER A 222 -17.05 7.59 2.38
C SER A 222 -17.09 7.03 3.80
N GLY A 223 -17.46 7.84 4.79
CA GLY A 223 -17.71 7.35 6.15
C GLY A 223 -16.51 7.01 7.03
N GLU A 224 -15.29 7.23 6.53
CA GLU A 224 -14.09 6.90 7.29
C GLU A 224 -13.71 8.07 8.18
N LEU A 225 -13.50 7.79 9.47
CA LEU A 225 -13.11 8.80 10.44
C LEU A 225 -11.59 8.73 10.68
N ARG A 226 -10.85 9.19 9.68
CA ARG A 226 -9.39 9.27 9.69
C ARG A 226 -8.94 10.46 8.84
N LEU A 227 -7.75 10.98 9.09
CA LEU A 227 -7.17 12.01 8.21
C LEU A 227 -6.21 11.46 7.14
N SER A 228 -5.68 10.25 7.36
CA SER A 228 -4.81 9.56 6.41
C SER A 228 -3.65 10.42 5.95
N ASN A 229 -2.99 11.06 6.92
CA ASN A 229 -1.73 11.78 6.68
C ASN A 229 -1.90 12.98 5.73
N PHE A 230 -3.07 13.63 5.82
CA PHE A 230 -3.41 14.77 4.99
C PHE A 230 -3.25 16.09 5.75
N LEU A 231 -2.36 16.95 5.27
CA LEU A 231 -2.07 18.25 5.87
C LEU A 231 -1.97 18.23 7.42
N PRO A 232 -1.16 17.33 7.98
CA PRO A 232 -1.10 17.24 9.45
C PRO A 232 -0.68 18.55 10.14
N TRP A 233 0.32 19.24 9.59
CA TRP A 233 0.73 20.55 10.10
C TRP A 233 -0.35 21.60 9.82
N GLN A 234 -0.70 21.75 8.55
CA GLN A 234 -1.54 22.87 8.10
C GLN A 234 -2.95 22.77 8.63
N GLY A 235 -3.46 21.54 8.75
CA GLY A 235 -4.78 21.27 9.27
C GLY A 235 -4.89 21.16 10.79
N ALA A 236 -3.84 21.50 11.54
CA ALA A 236 -3.77 21.27 13.00
C ALA A 236 -4.93 21.86 13.81
N TYR A 237 -5.49 22.99 13.36
CA TYR A 237 -6.62 23.63 14.04
C TYR A 237 -7.92 23.61 13.21
N SER A 238 -7.99 22.76 12.19
CA SER A 238 -9.15 22.77 11.27
C SER A 238 -10.39 22.15 11.88
N GLU A 239 -11.54 22.67 11.46
CA GLU A 239 -12.83 22.01 11.69
C GLU A 239 -12.88 20.79 10.78
N LEU A 240 -13.46 19.70 11.28
CA LEU A 240 -13.60 18.47 10.51
C LEU A 240 -15.06 18.21 10.16
N TYR A 241 -15.29 17.65 8.98
CA TYR A 241 -16.62 17.25 8.54
C TYR A 241 -16.54 15.87 7.90
N PHE A 242 -17.21 14.90 8.51
CA PHE A 242 -17.28 13.55 7.98
C PHE A 242 -18.69 13.25 7.46
N THR A 243 -18.76 12.66 6.28
CA THR A 243 -20.02 12.24 5.67
C THR A 243 -19.90 10.83 5.11
N ASP A 244 -20.97 10.05 5.22
CA ASP A 244 -21.03 8.71 4.64
C ASP A 244 -21.14 8.74 3.12
N THR A 245 -21.56 9.87 2.55
CA THR A 245 -21.67 10.05 1.09
C THR A 245 -20.36 9.67 0.38
N LEU A 246 -20.48 8.92 -0.72
CA LEU A 246 -19.33 8.55 -1.54
C LEU A 246 -18.94 9.74 -2.41
N TRP A 247 -17.64 9.89 -2.71
CA TRP A 247 -17.15 11.09 -3.41
C TRP A 247 -17.87 11.44 -4.73
N PRO A 248 -18.15 10.44 -5.60
CA PRO A 248 -18.86 10.76 -6.85
C PRO A 248 -20.29 11.33 -6.70
N ASP A 249 -20.90 11.13 -5.52
CA ASP A 249 -22.19 11.75 -5.18
C ASP A 249 -22.05 13.08 -4.43
N PHE A 250 -20.81 13.49 -4.13
CA PHE A 250 -20.57 14.77 -3.46
C PHE A 250 -20.65 15.89 -4.49
N ASP A 251 -21.59 16.79 -4.29
CA ASP A 251 -21.94 17.82 -5.27
C ASP A 251 -22.03 19.19 -4.57
N GLU A 252 -22.47 20.21 -5.30
CA GLU A 252 -22.69 21.55 -4.74
C GLU A 252 -23.55 21.52 -3.46
N ALA A 253 -24.61 20.71 -3.46
CA ALA A 253 -25.50 20.59 -2.30
C ALA A 253 -24.78 20.06 -1.07
N ALA A 254 -24.00 19.00 -1.26
CA ALA A 254 -23.20 18.42 -0.18
C ALA A 254 -22.13 19.40 0.30
N LEU A 255 -21.55 20.16 -0.64
CA LEU A 255 -20.59 21.22 -0.29
C LEU A 255 -21.22 22.27 0.62
N GLN A 256 -22.45 22.68 0.29
CA GLN A 256 -23.19 23.67 1.09
C GLN A 256 -23.62 23.14 2.45
N GLU A 257 -24.01 21.86 2.52
CA GLU A 257 -24.29 21.19 3.81
C GLU A 257 -23.04 21.16 4.71
N ALA A 258 -21.86 20.97 4.09
CA ALA A 258 -20.59 21.04 4.82
C ALA A 258 -20.27 22.45 5.32
N ILE A 259 -20.48 23.46 4.47
CA ILE A 259 -20.28 24.87 4.83
C ILE A 259 -21.29 25.30 5.93
N LEU A 260 -22.52 24.79 5.85
CA LEU A 260 -23.52 25.02 6.90
C LEU A 260 -23.04 24.51 8.25
N ALA A 261 -22.58 23.25 8.28
CA ALA A 261 -22.07 22.63 9.51
C ALA A 261 -20.89 23.43 10.11
N TYR A 262 -19.98 23.88 9.25
CA TYR A 262 -18.88 24.77 9.64
C TYR A 262 -19.37 26.05 10.34
N ASN A 263 -20.41 26.68 9.78
CA ASN A 263 -20.95 27.92 10.36
C ASN A 263 -21.68 27.72 11.69
N ARG A 264 -22.26 26.54 11.90
CA ARG A 264 -22.87 26.18 13.20
C ARG A 264 -21.84 26.00 14.34
N ARG A 265 -20.56 25.83 14.01
CA ARG A 265 -19.49 25.73 15.01
C ARG A 265 -19.29 27.07 15.73
N HIS A 266 -19.29 28.16 14.96
CA HIS A 266 -19.27 29.52 15.50
C HIS A 266 -20.64 29.86 16.12
N THR B 37 -12.51 -8.35 21.67
CA THR B 37 -11.70 -8.16 20.42
C THR B 37 -10.38 -7.43 20.68
N GLN B 38 -9.89 -6.74 19.65
CA GLN B 38 -8.63 -6.00 19.74
C GLN B 38 -8.78 -4.71 20.53
N VAL B 39 -8.05 -4.58 21.64
CA VAL B 39 -7.99 -3.32 22.38
C VAL B 39 -6.89 -2.45 21.75
N PRO B 40 -7.20 -1.17 21.46
CA PRO B 40 -6.15 -0.31 20.91
C PRO B 40 -5.03 -0.05 21.93
N ALA B 41 -3.79 -0.19 21.49
CA ALA B 41 -2.63 -0.14 22.38
C ALA B 41 -2.37 1.28 22.93
N HIS B 42 -2.50 2.28 22.08
CA HIS B 42 -2.28 3.69 22.43
C HIS B 42 -3.54 4.51 22.10
N ILE B 43 -4.12 5.14 23.13
CA ILE B 43 -5.31 6.01 22.98
C ILE B 43 -4.96 7.45 23.33
N GLY B 44 -5.19 8.35 22.39
CA GLY B 44 -5.10 9.78 22.66
C GLY B 44 -6.44 10.30 23.13
N ILE B 45 -6.44 11.19 24.11
CA ILE B 45 -7.69 11.76 24.62
C ILE B 45 -7.58 13.27 24.82
N ILE B 46 -8.47 14.02 24.16
CA ILE B 46 -8.61 15.45 24.37
C ILE B 46 -9.76 15.64 25.34
N MET B 47 -9.41 16.00 26.57
CA MET B 47 -10.35 16.04 27.69
C MET B 47 -11.10 17.36 27.68
N ASP B 48 -12.17 17.42 26.90
CA ASP B 48 -12.93 18.65 26.72
C ASP B 48 -14.28 18.58 27.45
N GLY B 49 -14.74 19.73 27.93
CA GLY B 49 -16.09 19.87 28.52
C GLY B 49 -16.19 20.10 30.02
N ASN B 50 -15.07 20.32 30.70
CA ASN B 50 -15.09 20.54 32.16
C ASN B 50 -15.85 21.78 32.57
N GLY B 51 -15.74 22.85 31.77
CA GLY B 51 -16.42 24.10 32.06
C GLY B 51 -17.92 24.02 31.86
N ARG B 52 -18.33 23.43 30.74
CA ARG B 52 -19.76 23.19 30.44
C ARG B 52 -20.42 22.29 31.48
N TRP B 53 -19.72 21.22 31.87
CA TRP B 53 -20.17 20.28 32.91
C TRP B 53 -20.48 21.00 34.22
N ALA B 54 -19.54 21.83 34.67
CA ALA B 54 -19.69 22.59 35.91
C ALA B 54 -20.84 23.62 35.82
N LYS B 55 -20.96 24.29 34.67
CA LYS B 55 -22.08 25.21 34.41
C LYS B 55 -23.42 24.49 34.44
N LYS B 56 -23.48 23.31 33.81
CA LYS B 56 -24.69 22.47 33.82
C LYS B 56 -25.13 22.06 35.25
N ARG B 57 -24.14 21.86 36.13
CA ARG B 57 -24.38 21.56 37.55
C ARG B 57 -24.44 22.80 38.46
N MET B 58 -24.43 24.00 37.86
CA MET B 58 -24.48 25.26 38.59
C MET B 58 -23.39 25.35 39.67
N GLN B 59 -22.16 25.02 39.28
CA GLN B 59 -21.00 25.11 40.14
C GLN B 59 -19.88 25.86 39.41
N PRO B 60 -18.92 26.45 40.15
CA PRO B 60 -17.78 27.12 39.51
C PRO B 60 -16.96 26.20 38.59
N ARG B 61 -16.35 26.78 37.55
CA ARG B 61 -15.52 26.04 36.60
C ARG B 61 -14.43 25.16 37.27
N VAL B 62 -13.96 25.59 38.45
CA VAL B 62 -12.98 24.84 39.25
C VAL B 62 -13.46 23.44 39.67
N PHE B 63 -14.76 23.33 39.99
CA PHE B 63 -15.37 22.03 40.28
C PHE B 63 -15.29 21.06 39.10
N GLY B 64 -15.44 21.58 37.90
CA GLY B 64 -15.36 20.78 36.68
C GLY B 64 -14.00 20.17 36.43
N HIS B 65 -12.94 20.94 36.65
CA HIS B 65 -11.57 20.43 36.50
C HIS B 65 -11.27 19.36 37.54
N LYS B 66 -11.74 19.58 38.77
CA LYS B 66 -11.68 18.58 39.85
C LYS B 66 -12.36 17.27 39.45
N ALA B 67 -13.59 17.36 38.93
CA ALA B 67 -14.31 16.18 38.44
C ALA B 67 -13.63 15.57 37.20
N GLY B 68 -13.01 16.42 36.37
CA GLY B 68 -12.17 15.95 35.28
C GLY B 68 -11.01 15.09 35.74
N MET B 69 -10.39 15.47 36.85
CA MET B 69 -9.35 14.64 37.50
C MET B 69 -9.89 13.27 37.91
N GLU B 70 -11.08 13.24 38.50
CA GLU B 70 -11.76 11.99 38.88
C GLU B 70 -12.02 11.11 37.67
N ALA B 71 -12.54 11.71 36.60
CA ALA B 71 -12.79 10.99 35.35
C ALA B 71 -11.52 10.35 34.80
N LEU B 72 -10.42 11.10 34.83
CA LEU B 72 -9.12 10.58 34.38
C LEU B 72 -8.66 9.40 35.24
N GLN B 73 -8.81 9.50 36.56
CA GLN B 73 -8.49 8.39 37.46
C GLN B 73 -9.25 7.12 37.12
N THR B 74 -10.56 7.26 36.92
CA THR B 74 -11.44 6.15 36.51
C THR B 74 -11.02 5.56 35.17
N VAL B 75 -10.84 6.42 34.18
CA VAL B 75 -10.48 5.99 32.82
C VAL B 75 -9.09 5.34 32.79
N THR B 76 -8.13 5.93 33.49
CA THR B 76 -6.78 5.37 33.56
C THR B 76 -6.76 3.94 34.16
N LYS B 77 -7.50 3.73 35.26
CA LYS B 77 -7.57 2.41 35.91
C LYS B 77 -8.25 1.38 35.03
N ALA B 78 -9.34 1.79 34.39
CA ALA B 78 -10.11 0.90 33.51
C ALA B 78 -9.29 0.46 32.30
N ALA B 79 -8.65 1.42 31.63
CA ALA B 79 -7.82 1.13 30.47
C ALA B 79 -6.64 0.21 30.82
N ASN B 80 -6.01 0.45 31.97
CA ASN B 80 -4.92 -0.40 32.44
C ASN B 80 -5.35 -1.86 32.62
N LYS B 81 -6.53 -2.06 33.22
CA LYS B 81 -7.09 -3.42 33.37
C LYS B 81 -7.49 -4.08 32.06
N LEU B 82 -8.05 -3.30 31.14
CA LEU B 82 -8.41 -3.78 29.79
C LEU B 82 -7.21 -4.13 28.89
N GLY B 83 -6.02 -3.63 29.23
CA GLY B 83 -4.79 -3.95 28.49
C GLY B 83 -4.33 -2.88 27.52
N VAL B 84 -4.73 -1.62 27.73
CA VAL B 84 -4.24 -0.49 26.95
C VAL B 84 -2.83 -0.18 27.44
N LYS B 85 -1.90 0.00 26.52
CA LYS B 85 -0.49 0.20 26.85
C LYS B 85 -0.18 1.68 27.16
N VAL B 86 -0.83 2.60 26.42
CA VAL B 86 -0.56 4.02 26.58
C VAL B 86 -1.86 4.84 26.49
N ILE B 87 -1.99 5.83 27.38
CA ILE B 87 -2.95 6.92 27.20
C ILE B 87 -2.16 8.23 27.22
N THR B 88 -2.30 9.01 26.14
CA THR B 88 -1.80 10.37 26.09
C THR B 88 -2.98 11.32 26.20
N VAL B 89 -2.98 12.16 27.23
CA VAL B 89 -4.12 13.01 27.57
C VAL B 89 -3.74 14.48 27.46
N TYR B 90 -4.68 15.28 26.96
CA TYR B 90 -4.48 16.68 26.65
C TYR B 90 -5.56 17.50 27.33
N ALA B 91 -5.15 18.46 28.16
CA ALA B 91 -6.09 19.38 28.82
C ALA B 91 -6.44 20.52 27.87
N PHE B 92 -7.61 20.41 27.23
CA PHE B 92 -8.14 21.45 26.32
C PHE B 92 -7.24 21.73 25.11
N PRO B 100 -10.02 33.50 33.65
CA PRO B 100 -8.80 32.86 33.18
C PRO B 100 -7.53 33.22 33.99
N ASP B 101 -7.51 34.38 34.65
CA ASP B 101 -6.37 34.77 35.49
C ASP B 101 -6.31 33.91 36.76
N GLN B 102 -7.36 33.97 37.56
CA GLN B 102 -7.49 33.15 38.77
C GLN B 102 -7.78 31.67 38.46
N GLU B 103 -8.28 31.38 37.26
CA GLU B 103 -8.51 30.00 36.80
C GLU B 103 -7.21 29.22 36.60
N VAL B 104 -6.22 29.85 35.94
CA VAL B 104 -4.90 29.24 35.71
C VAL B 104 -4.15 28.93 37.03
N LYS B 105 -4.36 29.76 38.06
CA LYS B 105 -3.80 29.50 39.39
C LYS B 105 -4.34 28.20 39.99
N PHE B 106 -5.65 27.99 39.85
CA PHE B 106 -6.30 26.75 40.29
C PHE B 106 -5.89 25.55 39.43
N ILE B 107 -5.74 25.78 38.12
CA ILE B 107 -5.34 24.73 37.16
C ILE B 107 -3.88 24.28 37.35
N MET B 108 -2.96 25.22 37.57
CA MET B 108 -1.55 24.86 37.84
C MET B 108 -1.34 24.23 39.23
N ASN B 109 -2.31 24.38 40.13
CA ASN B 109 -2.34 23.63 41.40
C ASN B 109 -2.88 22.19 41.27
N LEU B 110 -3.49 21.84 40.12
CA LEU B 110 -4.05 20.49 39.93
C LEU B 110 -3.01 19.37 39.85
N PRO B 111 -1.86 19.59 39.17
CA PRO B 111 -0.77 18.59 39.26
C PRO B 111 -0.27 18.32 40.68
N VAL B 112 -0.26 19.34 41.52
CA VAL B 112 0.07 19.18 42.95
C VAL B 112 -1.02 18.35 43.62
N GLU B 113 -2.28 18.66 43.32
CA GLU B 113 -3.42 17.91 43.84
C GLU B 113 -3.48 16.48 43.29
N PHE B 114 -3.10 16.33 42.03
CA PHE B 114 -2.95 15.01 41.38
C PHE B 114 -1.92 14.16 42.12
N TYR B 115 -0.77 14.75 42.43
CA TYR B 115 0.30 14.03 43.12
C TYR B 115 -0.10 13.58 44.52
N ASP B 116 -0.84 14.42 45.25
CA ASP B 116 -1.20 14.13 46.64
C ASP B 116 -2.34 13.11 46.78
N ASN B 117 -3.40 13.26 45.98
CA ASN B 117 -4.65 12.50 46.16
C ASN B 117 -4.97 11.42 45.12
N TYR B 118 -4.23 11.37 44.01
CA TYR B 118 -4.49 10.43 42.91
C TYR B 118 -3.30 9.53 42.52
N VAL B 119 -2.09 10.11 42.48
CA VAL B 119 -0.90 9.38 42.04
C VAL B 119 -0.57 8.11 42.86
N PRO B 120 -0.75 8.15 44.20
CA PRO B 120 -0.50 6.93 44.97
C PRO B 120 -1.35 5.73 44.52
N GLU B 121 -2.64 5.96 44.27
CA GLU B 121 -3.52 4.89 43.80
C GLU B 121 -3.12 4.39 42.41
N LEU B 122 -2.76 5.31 41.51
CA LEU B 122 -2.29 4.93 40.18
C LEU B 122 -1.00 4.12 40.27
N HIS B 123 -0.09 4.54 41.15
CA HIS B 123 1.15 3.81 41.42
C HIS B 123 0.87 2.40 41.95
N ALA B 124 -0.13 2.27 42.83
CA ALA B 124 -0.57 0.94 43.30
C ALA B 124 -1.22 0.08 42.20
N ASN B 125 -1.77 0.72 41.17
CA ASN B 125 -2.25 0.02 39.96
C ASN B 125 -1.18 -0.24 38.88
N ASN B 126 0.09 -0.05 39.21
CA ASN B 126 1.21 -0.30 38.30
C ASN B 126 1.22 0.61 37.05
N VAL B 127 0.73 1.84 37.20
CA VAL B 127 0.69 2.82 36.12
C VAL B 127 1.98 3.65 36.14
N LYS B 128 2.59 3.79 34.97
CA LYS B 128 3.77 4.62 34.78
C LYS B 128 3.33 6.01 34.30
N ILE B 129 3.80 7.06 34.97
CA ILE B 129 3.40 8.43 34.64
C ILE B 129 4.55 9.15 33.95
N GLN B 130 4.27 9.67 32.76
CA GLN B 130 5.21 10.51 32.02
C GLN B 130 4.51 11.80 31.59
N MET B 131 5.29 12.78 31.16
CA MET B 131 4.74 14.00 30.56
C MET B 131 5.46 14.33 29.26
N ILE B 132 4.73 15.00 28.36
CA ILE B 132 5.29 15.54 27.12
C ILE B 132 4.90 17.01 27.02
N GLY B 133 5.72 17.78 26.31
CA GLY B 133 5.49 19.20 26.08
C GLY B 133 6.65 20.04 26.57
N GLU B 134 6.47 21.35 26.55
CA GLU B 134 7.48 22.30 27.02
C GLU B 134 7.27 22.54 28.50
N THR B 135 7.79 21.59 29.29
CA THR B 135 7.60 21.57 30.73
C THR B 135 8.46 22.59 31.50
N ASP B 136 9.45 23.19 30.83
CA ASP B 136 10.26 24.27 31.41
C ASP B 136 9.45 25.54 31.74
N ARG B 137 8.38 25.78 30.99
CA ARG B 137 7.51 26.92 31.24
C ARG B 137 6.68 26.80 32.52
N LEU B 138 6.49 25.58 33.01
CA LEU B 138 5.64 25.34 34.17
C LEU B 138 6.25 25.88 35.48
N PRO B 139 5.40 26.33 36.43
CA PRO B 139 5.89 26.76 37.74
C PRO B 139 6.70 25.72 38.51
N LYS B 140 7.50 26.20 39.47
CA LYS B 140 8.36 25.33 40.27
C LYS B 140 7.57 24.21 40.94
N GLN B 141 6.52 24.57 41.68
CA GLN B 141 5.69 23.60 42.41
C GLN B 141 5.06 22.56 41.49
N THR B 142 4.63 23.01 40.32
CA THR B 142 4.00 22.14 39.33
C THR B 142 4.96 21.14 38.70
N PHE B 143 6.12 21.63 38.26
CA PHE B 143 7.17 20.77 37.69
C PHE B 143 7.71 19.77 38.71
N GLU B 144 7.83 20.19 39.96
CA GLU B 144 8.33 19.32 41.03
C GLU B 144 7.33 18.21 41.42
N ALA B 145 6.03 18.54 41.49
CA ALA B 145 4.98 17.54 41.72
C ALA B 145 4.96 16.48 40.60
N LEU B 146 5.04 16.94 39.36
CA LEU B 146 5.08 16.04 38.20
C LEU B 146 6.35 15.20 38.15
N THR B 147 7.49 15.78 38.53
CA THR B 147 8.76 15.05 38.58
C THR B 147 8.73 13.93 39.63
N LYS B 148 8.21 14.24 40.82
CA LYS B 148 7.97 13.23 41.86
C LYS B 148 7.07 12.10 41.38
N ALA B 149 6.01 12.44 40.65
CA ALA B 149 5.12 11.42 40.06
C ALA B 149 5.84 10.55 39.03
N GLU B 150 6.73 11.14 38.23
CA GLU B 150 7.58 10.38 37.30
C GLU B 150 8.51 9.43 38.05
N GLU B 151 9.22 9.98 39.04
CA GLU B 151 10.20 9.22 39.83
C GLU B 151 9.56 8.08 40.64
N LEU B 152 8.39 8.35 41.23
CA LEU B 152 7.63 7.36 41.97
C LEU B 152 7.26 6.14 41.12
N THR B 153 6.82 6.41 39.89
CA THR B 153 6.23 5.41 39.02
C THR B 153 7.16 4.87 37.91
N LYS B 154 8.45 5.25 37.92
CA LYS B 154 9.35 4.96 36.78
C LYS B 154 9.65 3.48 36.54
N ASN B 155 9.53 2.66 37.59
CA ASN B 155 9.76 1.22 37.47
C ASN B 155 8.50 0.44 37.05
N ASN B 156 7.37 1.13 36.98
CA ASN B 156 6.08 0.46 36.75
C ASN B 156 5.97 -0.09 35.33
N THR B 157 5.38 -1.27 35.21
CA THR B 157 5.32 -2.04 33.97
C THR B 157 3.92 -2.08 33.32
N GLY B 158 2.93 -1.42 33.90
CA GLY B 158 1.58 -1.41 33.32
C GLY B 158 1.40 -0.25 32.34
N LEU B 159 0.15 0.21 32.23
CA LEU B 159 -0.20 1.32 31.35
C LEU B 159 0.66 2.56 31.59
N ILE B 160 1.03 3.24 30.51
CA ILE B 160 1.76 4.52 30.60
C ILE B 160 0.74 5.65 30.45
N LEU B 161 0.62 6.47 31.49
CA LEU B 161 -0.21 7.66 31.46
C LEU B 161 0.69 8.85 31.11
N ASN B 162 0.44 9.39 29.91
CA ASN B 162 1.28 10.38 29.30
C ASN B 162 0.59 11.75 29.27
N PHE B 163 0.97 12.63 30.19
CA PHE B 163 0.37 13.96 30.30
C PHE B 163 0.96 14.93 29.29
N ALA B 164 0.12 15.40 28.36
CA ALA B 164 0.49 16.48 27.45
C ALA B 164 0.22 17.80 28.15
N LEU B 165 1.29 18.46 28.58
CA LEU B 165 1.20 19.70 29.36
C LEU B 165 2.05 20.77 28.72
N ASN B 166 1.50 21.98 28.64
CA ASN B 166 2.08 23.05 27.83
C ASN B 166 2.56 22.50 26.48
N TYR B 167 1.67 21.74 25.85
CA TYR B 167 1.97 20.99 24.65
C TYR B 167 1.32 21.66 23.43
N GLY B 168 2.04 21.68 22.32
CA GLY B 168 1.52 22.07 21.01
C GLY B 168 2.20 21.24 19.92
N GLY B 169 1.40 20.62 19.07
CA GLY B 169 1.91 19.79 17.96
C GLY B 169 2.94 20.46 17.08
N ARG B 170 2.59 21.61 16.53
CA ARG B 170 3.52 22.38 15.68
C ARG B 170 4.80 22.76 16.40
N ALA B 171 4.69 23.11 17.69
CA ALA B 171 5.86 23.46 18.49
C ALA B 171 6.76 22.26 18.74
N GLU B 172 6.14 21.10 19.02
CA GLU B 172 6.85 19.82 19.10
C GLU B 172 7.64 19.52 17.83
N ILE B 173 6.99 19.65 16.69
CA ILE B 173 7.63 19.41 15.40
C ILE B 173 8.74 20.44 15.15
N THR B 174 8.44 21.72 15.45
CA THR B 174 9.39 22.82 15.28
C THR B 174 10.70 22.57 16.02
N GLN B 175 10.60 22.24 17.31
CA GLN B 175 11.79 21.98 18.12
C GLN B 175 12.54 20.72 17.66
N ALA B 176 11.83 19.72 17.14
CA ALA B 176 12.45 18.53 16.56
C ALA B 176 13.26 18.89 15.32
N LEU B 177 12.65 19.66 14.42
CA LEU B 177 13.32 20.17 13.22
C LEU B 177 14.49 21.13 13.52
N LYS B 178 14.47 21.77 14.69
CA LYS B 178 15.59 22.61 15.16
C LYS B 178 16.78 21.75 15.60
N LEU B 179 16.54 20.84 16.55
CA LEU B 179 17.60 19.98 17.09
C LEU B 179 18.30 19.15 16.01
N ILE B 180 17.53 18.62 15.05
CA ILE B 180 18.08 17.85 13.94
C ILE B 180 19.00 18.73 13.08
N SER B 181 18.57 19.96 12.80
CA SER B 181 19.38 20.92 12.04
C SER B 181 20.66 21.34 12.77
N GLN B 182 20.60 21.40 14.10
CA GLN B 182 21.79 21.66 14.92
C GLN B 182 22.78 20.50 14.82
N ASP B 183 22.27 19.27 14.94
CA ASP B 183 23.11 18.06 14.84
C ASP B 183 23.73 17.89 13.45
N VAL B 184 23.00 18.31 12.41
CA VAL B 184 23.54 18.32 11.04
C VAL B 184 24.65 19.37 10.88
N LEU B 185 24.46 20.54 11.49
CA LEU B 185 25.49 21.60 11.50
C LEU B 185 26.75 21.18 12.28
N ASP B 186 26.57 20.35 13.31
CA ASP B 186 27.69 19.79 14.11
C ASP B 186 28.24 18.45 13.59
N ALA B 187 27.77 18.01 12.41
CA ALA B 187 28.28 16.81 11.72
C ALA B 187 28.02 15.47 12.44
N LYS B 188 27.10 15.43 13.40
CA LYS B 188 26.71 14.20 14.08
C LYS B 188 25.80 13.36 13.19
N ILE B 189 24.99 14.03 12.38
CA ILE B 189 24.07 13.39 11.44
C ILE B 189 24.24 14.06 10.07
N ASN B 190 24.07 13.29 9.00
CA ASN B 190 24.11 13.83 7.64
C ASN B 190 22.72 14.29 7.18
N PRO B 191 22.65 15.22 6.21
CA PRO B 191 21.34 15.58 5.64
C PRO B 191 20.67 14.43 4.84
N GLY B 192 21.48 13.48 4.37
CA GLY B 192 20.95 12.24 3.78
C GLY B 192 20.29 11.28 4.76
N ASP B 193 20.61 11.40 6.05
CA ASP B 193 19.98 10.58 7.10
C ASP B 193 18.63 11.11 7.61
N ILE B 194 18.16 12.26 7.11
CA ILE B 194 16.88 12.84 7.53
C ILE B 194 15.71 12.03 6.94
N THR B 195 14.98 11.34 7.83
CA THR B 195 13.83 10.52 7.46
C THR B 195 12.68 10.77 8.43
N GLU B 196 11.52 10.15 8.15
CA GLU B 196 10.38 10.18 9.05
C GLU B 196 10.70 9.50 10.39
N GLU B 197 11.47 8.41 10.35
CA GLU B 197 11.91 7.71 11.56
C GLU B 197 12.81 8.58 12.44
N LEU B 198 13.70 9.35 11.82
CA LEU B 198 14.57 10.25 12.56
C LEU B 198 13.74 11.32 13.26
N ILE B 199 12.82 11.95 12.54
CA ILE B 199 11.95 12.98 13.11
C ILE B 199 11.19 12.41 14.31
N GLY B 200 10.66 11.20 14.16
CA GLY B 200 9.98 10.50 15.25
C GLY B 200 10.80 10.34 16.52
N ASN B 201 12.10 10.11 16.35
CA ASN B 201 13.04 10.02 17.49
C ASN B 201 13.31 11.34 18.22
N TYR B 202 13.02 12.47 17.58
CA TYR B 202 13.22 13.81 18.17
C TYR B 202 11.94 14.46 18.73
N LEU B 203 10.78 13.86 18.50
CA LEU B 203 9.52 14.36 19.07
C LEU B 203 9.49 14.07 20.57
N PHE B 204 8.53 14.66 21.28
CA PHE B 204 8.38 14.46 22.73
C PHE B 204 7.94 13.04 23.08
N THR B 205 7.25 12.39 22.14
CA THR B 205 6.84 10.99 22.30
C THR B 205 7.98 9.95 22.11
N GLN B 206 9.23 10.42 21.89
CA GLN B 206 10.40 9.55 21.75
C GLN B 206 10.64 8.59 22.92
N HIS B 207 10.26 9.00 24.13
CA HIS B 207 10.51 8.20 25.35
C HIS B 207 9.54 7.02 25.50
N LEU B 208 8.44 7.02 24.75
CA LEU B 208 7.56 5.85 24.69
C LEU B 208 8.24 4.74 23.89
N PRO B 209 7.89 3.46 24.15
CA PRO B 209 8.42 2.37 23.33
C PRO B 209 8.10 2.56 21.85
N LYS B 210 9.03 2.17 20.98
CA LYS B 210 8.98 2.52 19.55
C LYS B 210 7.67 2.12 18.85
N ASP B 211 7.15 0.94 19.17
CA ASP B 211 5.90 0.44 18.56
C ASP B 211 4.61 1.09 19.11
N LEU B 212 4.72 1.90 20.17
CA LEU B 212 3.57 2.49 20.85
C LEU B 212 3.54 4.03 20.80
N ARG B 213 4.40 4.64 19.98
CA ARG B 213 4.52 6.10 19.92
C ARG B 213 3.29 6.81 19.31
N ASP B 214 2.64 6.14 18.36
CA ASP B 214 1.53 6.72 17.61
C ASP B 214 0.21 6.20 18.14
N PRO B 215 -0.76 7.11 18.42
CA PRO B 215 -2.07 6.63 18.89
C PRO B 215 -2.80 5.83 17.81
N ASP B 216 -3.44 4.75 18.23
CA ASP B 216 -4.30 3.96 17.34
C ASP B 216 -5.68 4.61 17.27
N LEU B 217 -6.07 5.24 18.38
CA LEU B 217 -7.36 5.89 18.53
C LEU B 217 -7.17 7.23 19.21
N ILE B 218 -7.86 8.26 18.71
CA ILE B 218 -7.90 9.57 19.37
C ILE B 218 -9.37 9.87 19.68
N ILE B 219 -9.66 10.06 20.96
CA ILE B 219 -11.00 10.37 21.46
C ILE B 219 -11.07 11.86 21.74
N ARG B 220 -12.12 12.51 21.26
CA ARG B 220 -12.40 13.89 21.64
C ARG B 220 -13.81 14.00 22.20
N THR B 221 -13.91 14.62 23.37
CA THR B 221 -15.18 14.76 24.10
C THR B 221 -15.81 16.14 23.87
N SER B 222 -17.02 16.32 24.39
CA SER B 222 -17.75 17.60 24.37
C SER B 222 -18.24 18.07 22.99
N GLY B 223 -18.35 17.15 22.03
CA GLY B 223 -18.98 17.44 20.73
C GLY B 223 -18.16 18.20 19.68
N GLU B 224 -16.93 18.59 20.01
CA GLU B 224 -16.11 19.36 19.07
C GLU B 224 -15.51 18.44 18.01
N LEU B 225 -15.81 18.73 16.74
CA LEU B 225 -15.24 18.01 15.60
C LEU B 225 -14.08 18.81 15.01
N ARG B 226 -12.97 18.84 15.74
CA ARG B 226 -11.76 19.56 15.29
C ARG B 226 -10.50 19.00 15.94
N LEU B 227 -9.35 19.45 15.43
CA LEU B 227 -8.05 18.83 15.74
C LEU B 227 -7.29 19.38 16.97
N SER B 228 -7.27 20.70 17.13
CA SER B 228 -6.64 21.40 18.25
C SER B 228 -5.13 21.16 18.49
N ASN B 229 -4.41 20.85 17.42
CA ASN B 229 -2.94 20.78 17.47
C ASN B 229 -2.42 19.69 18.44
N PHE B 230 -3.18 18.60 18.54
CA PHE B 230 -2.84 17.45 19.37
C PHE B 230 -2.27 16.34 18.50
N LEU B 231 -0.99 16.03 18.72
CA LEU B 231 -0.31 14.92 18.03
C LEU B 231 -0.54 14.87 16.51
N PRO B 232 -0.32 16.00 15.80
CA PRO B 232 -0.52 16.02 14.35
C PRO B 232 0.34 15.02 13.58
N TRP B 233 1.58 14.84 14.03
CA TRP B 233 2.51 13.88 13.39
C TRP B 233 2.13 12.46 13.77
N GLN B 234 2.11 12.21 15.08
CA GLN B 234 1.92 10.86 15.62
C GLN B 234 0.54 10.33 15.29
N GLY B 235 -0.46 11.22 15.30
CA GLY B 235 -1.86 10.85 15.01
C GLY B 235 -2.30 10.87 13.55
N ALA B 236 -1.35 11.00 12.62
CA ALA B 236 -1.66 11.18 11.18
C ALA B 236 -2.55 10.11 10.56
N TYR B 237 -2.46 8.87 11.05
CA TYR B 237 -3.28 7.74 10.57
C TYR B 237 -4.29 7.20 11.59
N SER B 238 -4.46 7.90 12.70
CA SER B 238 -5.28 7.39 13.80
C SER B 238 -6.76 7.40 13.47
N GLU B 239 -7.45 6.38 13.98
CA GLU B 239 -8.90 6.40 14.04
C GLU B 239 -9.34 7.51 14.97
N LEU B 240 -10.33 8.29 14.55
CA LEU B 240 -10.84 9.38 15.35
C LEU B 240 -12.24 9.01 15.81
N TYR B 241 -12.52 9.27 17.09
CA TYR B 241 -13.81 9.02 17.70
C TYR B 241 -14.26 10.29 18.44
N PHE B 242 -15.49 10.70 18.17
CA PHE B 242 -16.05 11.93 18.70
C PHE B 242 -17.33 11.62 19.45
N THR B 243 -17.46 12.18 20.66
CA THR B 243 -18.64 11.98 21.49
C THR B 243 -19.09 13.30 22.09
N ASP B 244 -20.41 13.41 22.28
CA ASP B 244 -20.99 14.59 22.90
C ASP B 244 -20.81 14.60 24.42
N THR B 245 -20.51 13.45 25.03
CA THR B 245 -20.40 13.37 26.48
C THR B 245 -19.24 14.26 26.95
N LEU B 246 -19.47 14.95 28.06
CA LEU B 246 -18.50 15.91 28.61
C LEU B 246 -17.46 15.11 29.39
N TRP B 247 -16.21 15.58 29.39
CA TRP B 247 -15.10 14.80 29.96
C TRP B 247 -15.33 14.25 31.38
N PRO B 248 -15.85 15.08 32.32
CA PRO B 248 -16.11 14.56 33.66
C PRO B 248 -17.14 13.40 33.74
N ASP B 249 -18.04 13.31 32.76
CA ASP B 249 -18.95 12.16 32.59
C ASP B 249 -18.37 10.99 31.79
N PHE B 250 -17.16 11.14 31.25
CA PHE B 250 -16.52 10.07 30.48
C PHE B 250 -15.94 9.06 31.50
N ASP B 251 -16.55 7.88 31.55
CA ASP B 251 -16.24 6.85 32.56
C ASP B 251 -15.84 5.55 31.85
N GLU B 252 -15.76 4.44 32.59
CA GLU B 252 -15.41 3.14 32.00
C GLU B 252 -16.36 2.70 30.88
N ALA B 253 -17.66 2.93 31.05
CA ALA B 253 -18.65 2.60 30.01
C ALA B 253 -18.40 3.39 28.73
N ALA B 254 -18.16 4.69 28.87
CA ALA B 254 -17.82 5.55 27.71
C ALA B 254 -16.53 5.08 27.01
N LEU B 255 -15.54 4.66 27.80
CA LEU B 255 -14.30 4.08 27.25
C LEU B 255 -14.56 2.81 26.45
N GLN B 256 -15.36 1.90 27.03
CA GLN B 256 -15.72 0.65 26.35
C GLN B 256 -16.49 0.87 25.06
N GLU B 257 -17.38 1.87 25.05
CA GLU B 257 -18.11 2.25 23.84
C GLU B 257 -17.18 2.79 22.74
N ALA B 258 -16.18 3.57 23.14
CA ALA B 258 -15.15 4.07 22.22
C ALA B 258 -14.30 2.93 21.64
N ILE B 259 -13.89 2.01 22.52
CA ILE B 259 -13.13 0.82 22.12
C ILE B 259 -13.97 -0.09 21.21
N LEU B 260 -15.28 -0.16 21.48
CA LEU B 260 -16.21 -0.92 20.65
C LEU B 260 -16.36 -0.32 19.26
N ALA B 261 -16.42 1.02 19.19
CA ALA B 261 -16.47 1.73 17.91
C ALA B 261 -15.20 1.50 17.08
N TYR B 262 -14.05 1.56 17.75
CA TYR B 262 -12.74 1.28 17.12
C TYR B 262 -12.67 -0.09 16.44
N ASN B 263 -13.19 -1.13 17.10
CA ASN B 263 -13.18 -2.50 16.55
C ASN B 263 -14.11 -2.69 15.35
N ARG B 264 -15.21 -1.93 15.32
CA ARG B 264 -16.16 -1.97 14.21
C ARG B 264 -15.62 -1.29 12.94
N ARG B 265 -14.55 -0.49 13.06
CA ARG B 265 -13.92 0.18 11.92
C ARG B 265 -13.28 -0.83 10.97
N HIS B 266 -12.46 -1.73 11.53
CA HIS B 266 -11.81 -2.78 10.75
C HIS B 266 -11.38 -3.95 11.63
N GLN C 38 20.20 -34.47 -5.54
CA GLN C 38 18.74 -34.19 -5.66
C GLN C 38 18.36 -32.98 -4.81
N VAL C 39 18.84 -31.81 -5.24
CA VAL C 39 18.64 -30.55 -4.54
C VAL C 39 18.39 -29.46 -5.60
N PRO C 40 17.34 -28.64 -5.42
CA PRO C 40 17.16 -27.54 -6.38
C PRO C 40 18.24 -26.48 -6.20
N ALA C 41 18.85 -26.06 -7.30
CA ALA C 41 19.99 -25.14 -7.26
C ALA C 41 19.61 -23.73 -6.83
N HIS C 42 18.46 -23.24 -7.29
CA HIS C 42 17.95 -21.91 -6.97
C HIS C 42 16.55 -22.05 -6.41
N ILE C 43 16.35 -21.59 -5.17
CA ILE C 43 15.04 -21.55 -4.52
C ILE C 43 14.59 -20.11 -4.28
N GLY C 44 13.39 -19.76 -4.76
CA GLY C 44 12.75 -18.50 -4.42
C GLY C 44 11.90 -18.69 -3.18
N ILE C 45 11.85 -17.69 -2.31
CA ILE C 45 11.08 -17.79 -1.06
C ILE C 45 10.35 -16.47 -0.80
N ILE C 46 9.03 -16.56 -0.66
CA ILE C 46 8.21 -15.41 -0.31
C ILE C 46 7.96 -15.52 1.18
N MET C 47 8.67 -14.71 1.95
CA MET C 47 8.66 -14.77 3.41
C MET C 47 7.44 -14.01 3.90
N ASP C 48 6.32 -14.73 4.08
CA ASP C 48 5.07 -14.15 4.55
C ASP C 48 4.69 -14.77 5.90
N GLY C 49 4.01 -13.96 6.73
CA GLY C 49 3.45 -14.43 8.00
C GLY C 49 4.08 -13.90 9.28
N ASN C 50 4.96 -12.90 9.18
CA ASN C 50 5.65 -12.35 10.36
C ASN C 50 4.70 -11.63 11.32
N GLY C 51 3.87 -10.74 10.80
CA GLY C 51 2.86 -10.04 11.60
C GLY C 51 1.82 -10.97 12.21
N ARG C 52 1.36 -11.92 11.40
CA ARG C 52 0.41 -12.95 11.82
C ARG C 52 0.98 -13.81 12.96
N TRP C 53 2.27 -14.12 12.87
CA TRP C 53 3.00 -14.87 13.90
C TRP C 53 3.08 -14.12 15.23
N ALA C 54 3.26 -12.81 15.18
CA ALA C 54 3.29 -11.95 16.38
C ALA C 54 1.93 -11.84 17.06
N LYS C 55 0.88 -11.63 16.27
CA LYS C 55 -0.50 -11.50 16.79
C LYS C 55 -0.96 -12.76 17.55
N LYS C 56 -0.56 -13.94 17.07
CA LYS C 56 -0.87 -15.21 17.73
C LYS C 56 -0.27 -15.33 19.14
N ARG C 57 0.90 -14.73 19.35
CA ARG C 57 1.58 -14.73 20.66
C ARG C 57 1.28 -13.49 21.53
N MET C 58 0.31 -12.66 21.13
CA MET C 58 -0.04 -11.41 21.83
C MET C 58 1.19 -10.48 21.95
N GLN C 59 1.96 -10.40 20.87
CA GLN C 59 3.21 -9.62 20.82
C GLN C 59 3.14 -8.58 19.70
N PRO C 60 3.97 -7.52 19.78
CA PRO C 60 3.94 -6.48 18.75
C PRO C 60 4.49 -6.95 17.39
N ARG C 61 4.13 -6.23 16.34
CA ARG C 61 4.50 -6.59 14.95
C ARG C 61 6.02 -6.59 14.72
N VAL C 62 6.75 -5.75 15.46
CA VAL C 62 8.22 -5.74 15.41
C VAL C 62 8.85 -7.06 15.87
N PHE C 63 8.23 -7.72 16.85
CA PHE C 63 8.70 -9.01 17.37
C PHE C 63 8.69 -10.11 16.29
N GLY C 64 7.67 -10.09 15.44
CA GLY C 64 7.55 -11.02 14.33
C GLY C 64 8.67 -10.93 13.31
N HIS C 65 9.06 -9.71 12.96
CA HIS C 65 10.14 -9.49 11.97
C HIS C 65 11.52 -9.85 12.50
N LYS C 66 11.74 -9.76 13.81
CA LYS C 66 12.97 -10.25 14.43
C LYS C 66 13.08 -11.77 14.33
N ALA C 67 11.99 -12.46 14.63
CA ALA C 67 11.88 -13.91 14.43
C ALA C 67 12.04 -14.29 12.96
N GLY C 68 11.49 -13.46 12.06
CA GLY C 68 11.67 -13.64 10.62
C GLY C 68 13.12 -13.62 10.16
N MET C 69 13.89 -12.66 10.69
CA MET C 69 15.33 -12.59 10.43
C MET C 69 16.08 -13.84 10.94
N GLU C 70 15.65 -14.35 12.09
CA GLU C 70 16.21 -15.60 12.65
C GLU C 70 15.87 -16.82 11.79
N ALA C 71 14.63 -16.88 11.30
CA ALA C 71 14.22 -17.95 10.38
C ALA C 71 15.06 -17.94 9.10
N LEU C 72 15.28 -16.75 8.56
CA LEU C 72 16.10 -16.58 7.35
C LEU C 72 17.54 -17.02 7.58
N GLN C 73 18.09 -16.71 8.75
CA GLN C 73 19.42 -17.19 9.16
C GLN C 73 19.48 -18.71 9.16
N THR C 74 18.51 -19.34 9.83
CA THR C 74 18.41 -20.81 9.91
C THR C 74 18.30 -21.46 8.53
N VAL C 75 17.43 -20.91 7.68
CA VAL C 75 17.21 -21.45 6.33
C VAL C 75 18.45 -21.25 5.46
N THR C 76 19.01 -20.05 5.47
CA THR C 76 20.21 -19.72 4.69
C THR C 76 21.37 -20.68 5.00
N LYS C 77 21.64 -20.88 6.28
CA LYS C 77 22.67 -21.83 6.73
C LYS C 77 22.34 -23.26 6.30
N ALA C 78 21.10 -23.67 6.53
CA ALA C 78 20.66 -25.03 6.19
C ALA C 78 20.69 -25.31 4.68
N ALA C 79 20.25 -24.33 3.89
CA ALA C 79 20.31 -24.41 2.43
C ALA C 79 21.76 -24.45 1.94
N ASN C 80 22.60 -23.59 2.51
CA ASN C 80 24.04 -23.59 2.21
C ASN C 80 24.67 -24.97 2.45
N LYS C 81 24.34 -25.59 3.59
CA LYS C 81 24.86 -26.91 3.94
C LYS C 81 24.34 -28.04 3.04
N LEU C 82 23.08 -27.94 2.59
CA LEU C 82 22.48 -28.95 1.72
C LEU C 82 22.91 -28.88 0.24
N GLY C 83 23.64 -27.82 -0.14
CA GLY C 83 24.17 -27.67 -1.50
C GLY C 83 23.33 -26.82 -2.44
N VAL C 84 22.44 -26.00 -1.88
CA VAL C 84 21.63 -25.07 -2.69
C VAL C 84 22.56 -23.93 -3.09
N LYS C 85 22.52 -23.54 -4.36
CA LYS C 85 23.42 -22.51 -4.90
C LYS C 85 22.91 -21.09 -4.67
N VAL C 86 21.60 -20.89 -4.79
CA VAL C 86 20.98 -19.56 -4.65
C VAL C 86 19.67 -19.67 -3.86
N ILE C 87 19.44 -18.73 -2.95
CA ILE C 87 18.08 -18.46 -2.46
C ILE C 87 17.76 -16.98 -2.70
N THR C 88 16.61 -16.74 -3.32
CA THR C 88 16.11 -15.38 -3.54
C THR C 88 14.92 -15.18 -2.61
N VAL C 89 15.06 -14.21 -1.71
CA VAL C 89 14.07 -13.99 -0.64
C VAL C 89 13.35 -12.67 -0.83
N TYR C 90 12.05 -12.71 -0.60
CA TYR C 90 11.16 -11.57 -0.81
C TYR C 90 10.26 -11.41 0.42
N ALA C 91 10.43 -10.28 1.11
CA ALA C 91 9.62 -9.98 2.30
C ALA C 91 8.34 -9.29 1.86
N PHE C 92 7.22 -10.05 1.90
CA PHE C 92 5.92 -9.57 1.43
C PHE C 92 4.80 -9.92 2.42
N SER C 93 3.74 -9.12 2.40
CA SER C 93 2.52 -9.38 3.18
C SER C 93 1.31 -8.70 2.56
N PRO C 100 -0.11 0.04 5.11
CA PRO C 100 1.02 -0.13 4.20
C PRO C 100 2.25 0.72 4.56
N ASP C 101 2.04 1.90 5.16
CA ASP C 101 3.14 2.74 5.66
C ASP C 101 4.02 2.04 6.72
N GLN C 102 3.41 1.18 7.54
CA GLN C 102 4.14 0.39 8.53
C GLN C 102 4.98 -0.70 7.87
N GLU C 103 4.36 -1.44 6.94
CA GLU C 103 4.98 -2.59 6.26
C GLU C 103 6.29 -2.25 5.55
N VAL C 104 6.30 -1.12 4.83
CA VAL C 104 7.52 -0.65 4.13
C VAL C 104 8.63 -0.18 5.08
N LYS C 105 8.25 0.30 6.27
CA LYS C 105 9.23 0.69 7.31
C LYS C 105 10.03 -0.49 7.84
N PHE C 106 9.35 -1.62 8.06
CA PHE C 106 10.00 -2.86 8.50
C PHE C 106 10.93 -3.45 7.44
N ILE C 107 10.51 -3.41 6.18
CA ILE C 107 11.29 -3.95 5.07
C ILE C 107 12.56 -3.13 4.82
N MET C 108 12.48 -1.80 4.94
CA MET C 108 13.65 -0.92 4.78
C MET C 108 14.57 -0.89 5.99
N ASN C 109 14.04 -1.23 7.17
CA ASN C 109 14.86 -1.40 8.38
C ASN C 109 15.54 -2.77 8.47
N LEU C 110 15.09 -3.73 7.66
CA LEU C 110 15.60 -5.11 7.69
C LEU C 110 17.12 -5.25 7.44
N PRO C 111 17.65 -4.68 6.32
CA PRO C 111 19.07 -4.87 6.02
C PRO C 111 20.04 -4.16 6.98
N VAL C 112 19.56 -3.09 7.64
CA VAL C 112 20.34 -2.41 8.68
C VAL C 112 20.48 -3.34 9.89
N GLU C 113 19.36 -3.90 10.33
CA GLU C 113 19.33 -4.79 11.50
C GLU C 113 19.91 -6.17 11.18
N PHE C 114 19.70 -6.66 9.96
CA PHE C 114 20.25 -7.94 9.53
C PHE C 114 21.78 -7.90 9.43
N TYR C 115 22.33 -6.75 9.03
CA TYR C 115 23.79 -6.58 8.96
C TYR C 115 24.45 -6.68 10.32
N ASP C 116 23.94 -5.91 11.29
CA ASP C 116 24.50 -5.87 12.64
C ASP C 116 24.42 -7.23 13.35
N ASN C 117 23.28 -7.90 13.22
CA ASN C 117 22.96 -9.07 14.05
C ASN C 117 23.11 -10.45 13.39
N TYR C 118 23.19 -10.49 12.05
CA TYR C 118 23.16 -11.77 11.33
C TYR C 118 24.21 -11.97 10.21
N VAL C 119 24.62 -10.91 9.51
CA VAL C 119 25.52 -11.03 8.35
C VAL C 119 26.92 -11.58 8.67
N PRO C 120 27.54 -11.19 9.81
CA PRO C 120 28.82 -11.80 10.21
C PRO C 120 28.81 -13.34 10.28
N GLU C 121 27.76 -13.91 10.86
CA GLU C 121 27.63 -15.38 10.92
C GLU C 121 27.43 -16.01 9.54
N LEU C 122 26.74 -15.32 8.65
CA LEU C 122 26.60 -15.76 7.25
C LEU C 122 27.93 -15.66 6.52
N HIS C 123 28.66 -14.58 6.76
CA HIS C 123 30.02 -14.43 6.20
C HIS C 123 30.95 -15.56 6.66
N ALA C 124 30.88 -15.92 7.94
CA ALA C 124 31.66 -17.06 8.48
C ALA C 124 31.24 -18.43 7.89
N ASN C 125 29.98 -18.52 7.45
CA ASN C 125 29.47 -19.70 6.73
C ASN C 125 29.70 -19.69 5.21
N ASN C 126 30.47 -18.71 4.71
CA ASN C 126 30.83 -18.60 3.29
C ASN C 126 29.62 -18.29 2.37
N VAL C 127 28.72 -17.45 2.88
CA VAL C 127 27.51 -17.06 2.14
C VAL C 127 27.73 -15.70 1.48
N LYS C 128 27.49 -15.65 0.17
CA LYS C 128 27.57 -14.41 -0.59
C LYS C 128 26.23 -13.68 -0.54
N ILE C 129 26.24 -12.39 -0.21
CA ILE C 129 25.01 -11.60 -0.10
C ILE C 129 24.93 -10.65 -1.30
N GLN C 130 23.77 -10.64 -1.95
CA GLN C 130 23.46 -9.70 -3.04
C GLN C 130 22.02 -9.19 -2.90
N MET C 131 21.71 -8.10 -3.60
CA MET C 131 20.37 -7.52 -3.60
C MET C 131 19.83 -7.40 -5.03
N ILE C 132 18.52 -7.57 -5.17
CA ILE C 132 17.81 -7.21 -6.41
C ILE C 132 16.68 -6.24 -6.09
N GLY C 133 16.40 -5.34 -7.04
CA GLY C 133 15.40 -4.30 -6.86
C GLY C 133 15.98 -2.93 -7.12
N GLU C 134 15.18 -1.90 -6.83
CA GLU C 134 15.54 -0.51 -7.09
C GLU C 134 16.30 0.08 -5.90
N THR C 135 17.48 0.63 -6.17
CA THR C 135 18.34 1.25 -5.15
C THR C 135 18.19 2.78 -5.03
N ASP C 136 17.65 3.41 -6.08
CA ASP C 136 17.44 4.86 -6.10
C ASP C 136 16.49 5.35 -4.99
N ARG C 137 15.43 4.58 -4.74
CA ARG C 137 14.42 4.93 -3.74
C ARG C 137 14.74 4.51 -2.29
N LEU C 138 15.90 3.89 -2.07
CA LEU C 138 16.28 3.42 -0.72
C LEU C 138 16.74 4.58 0.17
N PRO C 139 16.47 4.50 1.49
CA PRO C 139 17.10 5.44 2.44
C PRO C 139 18.62 5.25 2.50
N LYS C 140 19.32 6.25 3.05
CA LYS C 140 20.77 6.22 3.11
C LYS C 140 21.30 5.10 4.01
N GLN C 141 20.68 4.91 5.17
CA GLN C 141 21.07 3.85 6.12
C GLN C 141 20.94 2.45 5.51
N THR C 142 19.83 2.22 4.82
CA THR C 142 19.55 0.95 4.15
C THR C 142 20.54 0.64 3.01
N PHE C 143 20.89 1.65 2.22
CA PHE C 143 21.83 1.50 1.11
C PHE C 143 23.25 1.20 1.59
N GLU C 144 23.66 1.88 2.66
CA GLU C 144 24.99 1.66 3.27
C GLU C 144 25.13 0.25 3.86
N ALA C 145 24.09 -0.23 4.53
CA ALA C 145 24.08 -1.57 5.12
C ALA C 145 24.11 -2.68 4.06
N LEU C 146 23.35 -2.49 2.98
CA LEU C 146 23.35 -3.45 1.86
C LEU C 146 24.69 -3.51 1.16
N THR C 147 25.25 -2.34 0.84
CA THR C 147 26.54 -2.25 0.15
C THR C 147 27.68 -2.80 1.01
N LYS C 148 27.64 -2.55 2.32
CA LYS C 148 28.57 -3.16 3.28
C LYS C 148 28.42 -4.69 3.34
N ALA C 149 27.19 -5.18 3.28
CA ALA C 149 26.93 -6.63 3.24
C ALA C 149 27.46 -7.28 1.96
N GLU C 150 27.26 -6.62 0.83
CA GLU C 150 27.80 -7.09 -0.45
C GLU C 150 29.33 -7.08 -0.46
N GLU C 151 29.93 -5.94 -0.11
CA GLU C 151 31.40 -5.78 -0.10
C GLU C 151 32.11 -6.73 0.87
N LEU C 152 31.48 -7.02 2.00
CA LEU C 152 31.99 -7.99 2.96
C LEU C 152 32.06 -9.39 2.37
N THR C 153 30.99 -9.80 1.69
CA THR C 153 30.82 -11.18 1.26
C THR C 153 31.14 -11.46 -0.22
N LYS C 154 31.66 -10.46 -0.95
CA LYS C 154 31.80 -10.55 -2.41
C LYS C 154 32.73 -11.66 -2.94
N ASN C 155 33.71 -12.07 -2.13
CA ASN C 155 34.63 -13.15 -2.49
C ASN C 155 34.13 -14.55 -2.09
N ASN C 156 33.05 -14.62 -1.31
CA ASN C 156 32.56 -15.91 -0.81
C ASN C 156 32.03 -16.80 -1.93
N THR C 157 32.30 -18.10 -1.81
CA THR C 157 32.07 -19.09 -2.87
C THR C 157 30.96 -20.11 -2.57
N GLY C 158 30.24 -19.93 -1.47
CA GLY C 158 29.10 -20.79 -1.13
C GLY C 158 27.79 -20.25 -1.65
N LEU C 159 26.70 -20.58 -0.96
CA LEU C 159 25.34 -20.16 -1.34
C LEU C 159 25.20 -18.65 -1.49
N ILE C 160 24.50 -18.20 -2.54
CA ILE C 160 24.24 -16.79 -2.79
C ILE C 160 22.88 -16.42 -2.19
N LEU C 161 22.88 -15.58 -1.16
CA LEU C 161 21.65 -15.05 -0.57
C LEU C 161 21.28 -13.78 -1.33
N ASN C 162 20.16 -13.84 -2.05
CA ASN C 162 19.71 -12.75 -2.89
C ASN C 162 18.48 -12.07 -2.26
N PHE C 163 18.66 -10.84 -1.79
CA PHE C 163 17.57 -10.08 -1.15
C PHE C 163 16.78 -9.29 -2.18
N ALA C 164 15.50 -9.63 -2.31
CA ALA C 164 14.57 -8.83 -3.13
C ALA C 164 13.96 -7.76 -2.23
N LEU C 165 14.55 -6.58 -2.27
CA LEU C 165 14.06 -5.42 -1.52
C LEU C 165 13.69 -4.35 -2.50
N ASN C 166 12.56 -3.69 -2.25
CA ASN C 166 12.04 -2.68 -3.16
C ASN C 166 11.87 -3.28 -4.55
N TYR C 167 11.36 -4.50 -4.58
CA TYR C 167 11.32 -5.31 -5.79
C TYR C 167 9.89 -5.53 -6.26
N GLY C 168 9.66 -5.30 -7.55
CA GLY C 168 8.45 -5.74 -8.24
C GLY C 168 8.80 -6.31 -9.60
N GLY C 169 8.23 -7.46 -9.93
CA GLY C 169 8.51 -8.17 -11.19
C GLY C 169 8.19 -7.42 -12.47
N ARG C 170 7.00 -6.84 -12.55
CA ARG C 170 6.64 -5.99 -13.68
C ARG C 170 7.54 -4.75 -13.79
N ALA C 171 7.90 -4.19 -12.64
CA ALA C 171 8.80 -3.04 -12.60
C ALA C 171 10.19 -3.45 -13.11
N GLU C 172 10.65 -4.60 -12.67
CA GLU C 172 11.91 -5.18 -13.13
C GLU C 172 11.92 -5.36 -14.65
N ILE C 173 10.85 -5.93 -15.19
CA ILE C 173 10.72 -6.15 -16.63
C ILE C 173 10.64 -4.81 -17.37
N THR C 174 9.90 -3.86 -16.79
CA THR C 174 9.79 -2.49 -17.33
C THR C 174 11.13 -1.77 -17.40
N GLN C 175 11.90 -1.85 -16.31
CA GLN C 175 13.25 -1.28 -16.25
C GLN C 175 14.17 -1.90 -17.31
N ALA C 176 14.03 -3.20 -17.54
CA ALA C 176 14.79 -3.90 -18.58
C ALA C 176 14.39 -3.42 -19.99
N LEU C 177 13.09 -3.20 -20.19
CA LEU C 177 12.58 -2.62 -21.44
C LEU C 177 13.17 -1.24 -21.71
N LYS C 178 13.32 -0.43 -20.67
CA LYS C 178 13.94 0.90 -20.80
C LYS C 178 15.41 0.84 -21.21
N LEU C 179 16.19 0.00 -20.51
CA LEU C 179 17.61 -0.16 -20.82
C LEU C 179 17.85 -0.75 -22.21
N ILE C 180 16.98 -1.67 -22.64
CA ILE C 180 17.05 -2.27 -23.99
C ILE C 180 16.66 -1.25 -25.07
N SER C 181 15.61 -0.48 -24.82
CA SER C 181 15.15 0.56 -25.76
C SER C 181 16.17 1.68 -25.93
N GLN C 182 16.87 2.04 -24.86
CA GLN C 182 17.94 3.04 -24.91
C GLN C 182 19.15 2.53 -25.70
N ASP C 183 19.46 1.24 -25.55
CA ASP C 183 20.52 0.61 -26.34
C ASP C 183 20.15 0.47 -27.82
N VAL C 184 18.85 0.35 -28.13
CA VAL C 184 18.38 0.35 -29.53
C VAL C 184 18.57 1.74 -30.18
N LEU C 185 18.37 2.81 -29.42
CA LEU C 185 18.66 4.18 -29.91
C LEU C 185 20.16 4.42 -30.08
N ASP C 186 20.95 3.93 -29.13
CA ASP C 186 22.42 3.99 -29.21
C ASP C 186 23.02 3.08 -30.29
N ALA C 187 22.22 2.17 -30.83
CA ALA C 187 22.56 1.30 -31.97
C ALA C 187 23.44 0.11 -31.60
N LYS C 188 23.56 -0.18 -30.29
CA LYS C 188 24.33 -1.33 -29.80
C LYS C 188 23.66 -2.64 -30.20
N ILE C 189 22.33 -2.62 -30.26
CA ILE C 189 21.53 -3.74 -30.73
C ILE C 189 20.41 -3.23 -31.63
N ASN C 190 19.92 -4.12 -32.48
CA ASN C 190 18.72 -3.87 -33.27
C ASN C 190 17.51 -4.49 -32.58
N PRO C 191 16.29 -4.05 -32.96
CA PRO C 191 15.05 -4.71 -32.50
C PRO C 191 15.00 -6.23 -32.77
N GLY C 192 15.59 -6.68 -33.88
CA GLY C 192 15.68 -8.10 -34.21
C GLY C 192 16.58 -8.93 -33.30
N ASP C 193 17.54 -8.29 -32.64
CA ASP C 193 18.40 -8.96 -31.64
C ASP C 193 17.69 -9.23 -30.31
N ILE C 194 16.57 -8.55 -30.06
CA ILE C 194 15.83 -8.72 -28.81
C ILE C 194 15.20 -10.11 -28.78
N THR C 195 15.72 -10.97 -27.91
CA THR C 195 15.26 -12.33 -27.72
C THR C 195 15.00 -12.57 -26.23
N GLU C 196 14.43 -13.74 -25.92
CA GLU C 196 14.23 -14.17 -24.53
C GLU C 196 15.55 -14.17 -23.75
N GLU C 197 16.60 -14.66 -24.40
CA GLU C 197 17.94 -14.75 -23.80
C GLU C 197 18.47 -13.37 -23.44
N LEU C 198 18.36 -12.43 -24.40
CA LEU C 198 18.82 -11.05 -24.17
C LEU C 198 18.10 -10.40 -23.00
N ILE C 199 16.78 -10.53 -22.94
CA ILE C 199 16.00 -9.93 -21.86
C ILE C 199 16.49 -10.40 -20.48
N GLY C 200 16.83 -11.69 -20.36
CA GLY C 200 17.44 -12.25 -19.16
C GLY C 200 18.69 -11.51 -18.68
N ASN C 201 19.53 -11.09 -19.63
CA ASN C 201 20.73 -10.28 -19.32
C ASN C 201 20.44 -8.87 -18.79
N TYR C 202 19.21 -8.36 -18.98
CA TYR C 202 18.81 -7.03 -18.48
C TYR C 202 17.99 -7.03 -17.18
N LEU C 203 17.60 -8.21 -16.68
CA LEU C 203 16.85 -8.30 -15.43
C LEU C 203 17.79 -8.19 -14.23
N PHE C 204 17.22 -7.95 -13.04
CA PHE C 204 18.02 -7.77 -11.81
C PHE C 204 18.78 -9.03 -11.40
N THR C 205 18.33 -10.20 -11.85
CA THR C 205 19.05 -11.47 -11.64
C THR C 205 20.23 -11.72 -12.61
N GLN C 206 20.54 -10.76 -13.49
CA GLN C 206 21.68 -10.86 -14.42
C GLN C 206 23.04 -11.15 -13.75
N HIS C 207 23.21 -10.66 -12.51
CA HIS C 207 24.47 -10.84 -11.77
C HIS C 207 24.72 -12.28 -11.35
N LEU C 208 23.65 -13.07 -11.23
CA LEU C 208 23.77 -14.51 -11.01
C LEU C 208 24.28 -15.17 -12.29
N PRO C 209 25.08 -16.25 -12.17
CA PRO C 209 25.52 -16.98 -13.38
C PRO C 209 24.35 -17.58 -14.16
N LYS C 210 24.51 -17.72 -15.48
CA LYS C 210 23.40 -18.04 -16.38
C LYS C 210 22.58 -19.29 -16.02
N ASP C 211 23.28 -20.34 -15.56
CA ASP C 211 22.63 -21.60 -15.20
C ASP C 211 21.76 -21.53 -13.94
N LEU C 212 21.94 -20.48 -13.13
CA LEU C 212 21.27 -20.35 -11.83
C LEU C 212 20.34 -19.13 -11.71
N ARG C 213 20.11 -18.40 -12.80
CA ARG C 213 19.28 -17.19 -12.76
C ARG C 213 17.80 -17.45 -12.42
N ASP C 214 17.27 -18.59 -12.86
CA ASP C 214 15.85 -18.91 -12.70
C ASP C 214 15.60 -19.89 -11.54
N PRO C 215 14.67 -19.56 -10.61
CA PRO C 215 14.39 -20.51 -9.55
C PRO C 215 13.80 -21.83 -10.04
N ASP C 216 14.30 -22.94 -9.50
CA ASP C 216 13.77 -24.27 -9.76
C ASP C 216 12.50 -24.51 -8.95
N LEU C 217 12.44 -23.88 -7.77
CA LEU C 217 11.36 -24.05 -6.82
C LEU C 217 11.08 -22.70 -6.18
N ILE C 218 9.81 -22.33 -6.06
CA ILE C 218 9.43 -21.12 -5.34
C ILE C 218 8.54 -21.56 -4.18
N ILE C 219 8.93 -21.15 -2.97
CA ILE C 219 8.20 -21.47 -1.74
C ILE C 219 7.42 -20.23 -1.30
N ARG C 220 6.17 -20.41 -0.90
CA ARG C 220 5.44 -19.35 -0.21
C ARG C 220 4.78 -19.85 1.08
N THR C 221 4.98 -19.06 2.14
CA THR C 221 4.51 -19.36 3.48
C THR C 221 3.25 -18.59 3.78
N SER C 222 2.65 -18.91 4.92
CA SER C 222 1.44 -18.26 5.47
C SER C 222 0.12 -18.57 4.73
N GLY C 223 0.10 -19.65 3.96
CA GLY C 223 -1.14 -20.15 3.35
C GLY C 223 -1.71 -19.41 2.15
N GLU C 224 -1.02 -18.39 1.64
CA GLU C 224 -1.50 -17.60 0.51
C GLU C 224 -1.13 -18.28 -0.81
N LEU C 225 -2.12 -18.49 -1.68
CA LEU C 225 -1.91 -19.15 -2.98
C LEU C 225 -1.87 -18.11 -4.11
N ARG C 226 -0.75 -17.39 -4.17
CA ARG C 226 -0.47 -16.40 -5.22
C ARG C 226 0.99 -15.98 -5.16
N LEU C 227 1.49 -15.43 -6.26
CA LEU C 227 2.92 -15.10 -6.39
C LEU C 227 3.31 -13.67 -6.00
N SER C 228 2.35 -12.75 -5.99
CA SER C 228 2.57 -11.36 -5.59
C SER C 228 3.72 -10.68 -6.37
N ASN C 229 3.71 -10.86 -7.68
CA ASN C 229 4.63 -10.14 -8.57
C ASN C 229 6.11 -10.47 -8.28
N PHE C 230 6.36 -11.72 -7.91
CA PHE C 230 7.70 -12.19 -7.54
C PHE C 230 8.27 -13.04 -8.67
N LEU C 231 9.36 -12.56 -9.27
CA LEU C 231 10.06 -13.26 -10.34
C LEU C 231 9.12 -13.82 -11.43
N PRO C 232 8.25 -12.97 -11.99
CA PRO C 232 7.31 -13.49 -13.01
C PRO C 232 8.02 -14.08 -14.25
N TRP C 233 9.04 -13.40 -14.77
CA TRP C 233 9.84 -13.94 -15.87
C TRP C 233 10.65 -15.17 -15.42
N GLN C 234 11.48 -14.98 -14.41
CA GLN C 234 12.46 -15.98 -14.01
C GLN C 234 11.77 -17.24 -13.50
N GLY C 235 10.63 -17.07 -12.83
CA GLY C 235 9.87 -18.18 -12.27
C GLY C 235 8.84 -18.86 -13.18
N ALA C 236 8.81 -18.50 -14.47
CA ALA C 236 7.77 -18.96 -15.39
C ALA C 236 7.57 -20.48 -15.48
N TYR C 237 8.66 -21.25 -15.26
CA TYR C 237 8.62 -22.72 -15.29
C TYR C 237 8.89 -23.39 -13.93
N SER C 238 8.93 -22.61 -12.85
CA SER C 238 9.30 -23.13 -11.54
C SER C 238 8.23 -24.01 -10.94
N GLU C 239 8.69 -25.00 -10.17
CA GLU C 239 7.81 -25.73 -9.25
C GLU C 239 7.39 -24.79 -8.14
N LEU C 240 6.19 -25.00 -7.60
CA LEU C 240 5.66 -24.18 -6.53
C LEU C 240 5.40 -25.04 -5.30
N TYR C 241 5.62 -24.45 -4.14
CA TYR C 241 5.34 -25.12 -2.88
C TYR C 241 4.67 -24.11 -1.94
N PHE C 242 3.42 -24.40 -1.59
CA PHE C 242 2.65 -23.59 -0.67
C PHE C 242 2.50 -24.31 0.66
N THR C 243 2.71 -23.59 1.75
CA THR C 243 2.57 -24.13 3.10
C THR C 243 1.83 -23.13 3.96
N ASP C 244 0.99 -23.63 4.87
CA ASP C 244 0.28 -22.78 5.84
C ASP C 244 1.21 -22.27 6.93
N THR C 245 2.33 -22.96 7.15
CA THR C 245 3.36 -22.55 8.12
C THR C 245 3.76 -21.09 7.94
N LEU C 246 3.83 -20.36 9.06
CA LEU C 246 4.21 -18.95 9.05
C LEU C 246 5.74 -18.87 8.93
N TRP C 247 6.23 -17.82 8.28
CA TRP C 247 7.67 -17.71 7.98
C TRP C 247 8.61 -17.88 9.20
N PRO C 248 8.29 -17.25 10.35
CA PRO C 248 9.12 -17.43 11.55
C PRO C 248 9.25 -18.89 12.06
N ASP C 249 8.26 -19.74 11.76
CA ASP C 249 8.33 -21.18 12.05
C ASP C 249 8.97 -22.03 10.94
N PHE C 250 9.33 -21.42 9.81
CA PHE C 250 9.94 -22.14 8.69
C PHE C 250 11.43 -22.37 8.99
N ASP C 251 11.83 -23.64 9.07
CA ASP C 251 13.17 -24.03 9.56
C ASP C 251 13.83 -25.04 8.60
N GLU C 252 14.94 -25.67 9.02
CA GLU C 252 15.60 -26.70 8.20
C GLU C 252 14.67 -27.86 7.83
N ALA C 253 13.80 -28.25 8.75
CA ALA C 253 12.85 -29.34 8.53
C ALA C 253 11.83 -29.01 7.45
N ALA C 254 11.26 -27.79 7.53
CA ALA C 254 10.30 -27.30 6.55
C ALA C 254 10.96 -27.15 5.17
N LEU C 255 12.18 -26.60 5.15
CA LEU C 255 12.97 -26.52 3.93
C LEU C 255 13.16 -27.90 3.31
N GLN C 256 13.47 -28.89 4.13
CA GLN C 256 13.64 -30.27 3.69
C GLN C 256 12.36 -30.89 3.13
N GLU C 257 11.22 -30.61 3.77
CA GLU C 257 9.92 -31.08 3.28
C GLU C 257 9.57 -30.47 1.92
N ALA C 258 9.96 -29.22 1.70
CA ALA C 258 9.80 -28.56 0.40
C ALA C 258 10.68 -29.20 -0.67
N ILE C 259 11.92 -29.53 -0.31
CA ILE C 259 12.84 -30.21 -1.23
C ILE C 259 12.34 -31.62 -1.58
N LEU C 260 11.76 -32.31 -0.59
CA LEU C 260 11.11 -33.62 -0.82
C LEU C 260 9.99 -33.50 -1.85
N ALA C 261 9.08 -32.55 -1.62
CA ALA C 261 7.98 -32.26 -2.55
C ALA C 261 8.49 -32.05 -3.98
N TYR C 262 9.50 -31.17 -4.12
CA TYR C 262 10.17 -30.91 -5.39
C TYR C 262 10.67 -32.17 -6.09
N ASN C 263 11.35 -33.04 -5.35
CA ASN C 263 11.88 -34.30 -5.91
C ASN C 263 10.79 -35.32 -6.23
N ARG C 264 9.70 -35.32 -5.45
CA ARG C 264 8.52 -36.14 -5.74
C ARG C 264 7.73 -35.71 -6.98
N ARG C 265 8.10 -34.57 -7.61
CA ARG C 265 7.54 -34.20 -8.90
C ARG C 265 8.25 -35.01 -9.99
C ARG C 267 7.42 -38.48 -11.46
N GLN D 38 -20.53 -12.70 -6.06
CA GLN D 38 -19.13 -12.29 -6.34
C GLN D 38 -18.39 -13.35 -7.17
N VAL D 39 -18.34 -13.13 -8.48
CA VAL D 39 -17.71 -14.04 -9.44
C VAL D 39 -16.43 -13.39 -10.00
N PRO D 40 -15.33 -14.17 -10.11
CA PRO D 40 -14.14 -13.59 -10.75
C PRO D 40 -14.40 -13.29 -12.23
N ALA D 41 -14.01 -12.10 -12.66
CA ALA D 41 -14.31 -11.63 -14.02
C ALA D 41 -13.49 -12.33 -15.10
N HIS D 42 -12.21 -12.60 -14.83
CA HIS D 42 -11.31 -13.24 -15.78
C HIS D 42 -10.68 -14.46 -15.08
N ILE D 43 -10.96 -15.64 -15.60
CA ILE D 43 -10.38 -16.89 -15.08
C ILE D 43 -9.46 -17.46 -16.15
N GLY D 44 -8.20 -17.71 -15.77
CA GLY D 44 -7.26 -18.44 -16.61
C GLY D 44 -7.32 -19.92 -16.24
N ILE D 45 -7.23 -20.79 -17.24
CA ILE D 45 -7.33 -22.24 -17.01
C ILE D 45 -6.22 -22.97 -17.79
N ILE D 46 -5.39 -23.71 -17.06
CA ILE D 46 -4.42 -24.61 -17.68
C ILE D 46 -5.00 -26.01 -17.71
N MET D 47 -5.36 -26.44 -18.91
CA MET D 47 -6.10 -27.69 -19.13
C MET D 47 -5.06 -28.79 -19.27
N ASP D 48 -4.99 -29.66 -18.27
CA ASP D 48 -4.00 -30.73 -18.26
C ASP D 48 -4.67 -32.03 -17.80
N GLY D 49 -4.12 -33.15 -18.25
CA GLY D 49 -4.54 -34.49 -17.82
C GLY D 49 -5.34 -35.32 -18.83
N ASN D 50 -5.47 -34.83 -20.07
CA ASN D 50 -6.22 -35.54 -21.11
C ASN D 50 -5.65 -36.94 -21.39
N GLY D 51 -4.32 -37.03 -21.52
CA GLY D 51 -3.62 -38.29 -21.74
C GLY D 51 -3.81 -39.29 -20.61
N ARG D 52 -3.64 -38.83 -19.37
CA ARG D 52 -3.86 -39.65 -18.17
C ARG D 52 -5.30 -40.14 -18.07
N TRP D 53 -6.25 -39.24 -18.39
CA TRP D 53 -7.68 -39.54 -18.34
C TRP D 53 -8.07 -40.68 -19.29
N ALA D 54 -7.56 -40.63 -20.52
CA ALA D 54 -7.78 -41.68 -21.50
C ALA D 54 -7.13 -43.01 -21.09
N LYS D 55 -5.91 -42.93 -20.54
CA LYS D 55 -5.17 -44.12 -20.12
C LYS D 55 -5.90 -44.89 -19.00
N LYS D 56 -6.44 -44.15 -18.02
CA LYS D 56 -7.29 -44.75 -16.98
C LYS D 56 -8.46 -45.57 -17.54
N ARG D 57 -8.98 -45.14 -18.69
CA ARG D 57 -10.10 -45.78 -19.37
C ARG D 57 -9.69 -46.72 -20.52
N MET D 58 -8.39 -47.05 -20.61
CA MET D 58 -7.83 -47.98 -21.61
C MET D 58 -7.97 -47.51 -23.06
N GLN D 59 -7.86 -46.21 -23.28
CA GLN D 59 -8.04 -45.59 -24.60
C GLN D 59 -6.80 -44.79 -25.00
N PRO D 60 -6.60 -44.59 -26.33
CA PRO D 60 -5.48 -43.74 -26.77
C PRO D 60 -5.67 -42.28 -26.40
N ARG D 61 -4.58 -41.51 -26.46
CA ARG D 61 -4.57 -40.09 -26.06
C ARG D 61 -5.63 -39.23 -26.76
N VAL D 62 -5.87 -39.52 -28.03
CA VAL D 62 -6.85 -38.77 -28.85
C VAL D 62 -8.25 -38.80 -28.20
N PHE D 63 -8.62 -39.95 -27.65
CA PHE D 63 -9.85 -40.12 -26.87
C PHE D 63 -9.99 -39.12 -25.71
N GLY D 64 -8.88 -38.85 -25.03
CA GLY D 64 -8.84 -37.85 -23.96
C GLY D 64 -9.00 -36.42 -24.43
N HIS D 65 -8.37 -36.10 -25.57
CA HIS D 65 -8.45 -34.75 -26.14
C HIS D 65 -9.86 -34.43 -26.63
N LYS D 66 -10.51 -35.43 -27.22
CA LYS D 66 -11.94 -35.32 -27.58
C LYS D 66 -12.76 -34.95 -26.35
N ALA D 67 -12.58 -35.71 -25.27
CA ALA D 67 -13.28 -35.45 -24.01
C ALA D 67 -12.94 -34.10 -23.40
N GLY D 68 -11.69 -33.66 -23.59
CA GLY D 68 -11.26 -32.30 -23.24
C GLY D 68 -12.05 -31.20 -23.95
N MET D 69 -12.37 -31.41 -25.22
CA MET D 69 -13.25 -30.48 -25.96
C MET D 69 -14.65 -30.39 -25.33
N GLU D 70 -15.20 -31.53 -24.92
CA GLU D 70 -16.51 -31.57 -24.24
C GLU D 70 -16.45 -30.86 -22.90
N ALA D 71 -15.36 -31.07 -22.15
CA ALA D 71 -15.15 -30.36 -20.88
C ALA D 71 -15.09 -28.85 -21.09
N LEU D 72 -14.43 -28.41 -22.16
CA LEU D 72 -14.34 -26.98 -22.48
C LEU D 72 -15.70 -26.37 -22.81
N GLN D 73 -16.49 -27.09 -23.60
CA GLN D 73 -17.85 -26.65 -23.95
C GLN D 73 -18.70 -26.45 -22.70
N THR D 74 -18.66 -27.44 -21.81
CA THR D 74 -19.39 -27.39 -20.53
C THR D 74 -18.93 -26.23 -19.65
N VAL D 75 -17.61 -26.07 -19.52
CA VAL D 75 -17.04 -25.01 -18.68
C VAL D 75 -17.30 -23.61 -19.26
N THR D 76 -17.23 -23.49 -20.58
CA THR D 76 -17.50 -22.22 -21.25
C THR D 76 -18.96 -21.79 -21.07
N LYS D 77 -19.90 -22.71 -21.33
CA LYS D 77 -21.33 -22.43 -21.15
C LYS D 77 -21.67 -22.08 -19.70
N ALA D 78 -21.13 -22.85 -18.76
CA ALA D 78 -21.34 -22.61 -17.34
C ALA D 78 -20.78 -21.26 -16.88
N ALA D 79 -19.53 -20.96 -17.29
CA ALA D 79 -18.90 -19.68 -16.95
C ALA D 79 -19.70 -18.49 -17.49
N ASN D 80 -20.23 -18.62 -18.71
CA ASN D 80 -21.08 -17.61 -19.34
C ASN D 80 -22.37 -17.37 -18.55
N LYS D 81 -23.01 -18.46 -18.13
CA LYS D 81 -24.23 -18.39 -17.31
C LYS D 81 -23.99 -17.77 -15.93
N LEU D 82 -22.84 -18.08 -15.33
CA LEU D 82 -22.49 -17.60 -13.97
C LEU D 82 -22.05 -16.12 -13.93
N GLY D 83 -21.77 -15.52 -15.09
CA GLY D 83 -21.39 -14.11 -15.17
C GLY D 83 -19.90 -13.84 -15.29
N VAL D 84 -19.11 -14.86 -15.59
CA VAL D 84 -17.67 -14.69 -15.84
C VAL D 84 -17.53 -13.96 -17.19
N LYS D 85 -16.63 -12.97 -17.23
CA LYS D 85 -16.45 -12.12 -18.40
C LYS D 85 -15.46 -12.70 -19.40
N VAL D 86 -14.36 -13.28 -18.89
CA VAL D 86 -13.31 -13.83 -19.74
C VAL D 86 -12.82 -15.16 -19.16
N ILE D 87 -12.67 -16.16 -20.02
CA ILE D 87 -11.83 -17.31 -19.71
C ILE D 87 -10.70 -17.40 -20.72
N THR D 88 -9.46 -17.50 -20.21
CA THR D 88 -8.29 -17.74 -21.04
C THR D 88 -7.83 -19.16 -20.79
N VAL D 89 -7.88 -19.99 -21.84
CA VAL D 89 -7.61 -21.42 -21.71
C VAL D 89 -6.34 -21.76 -22.48
N TYR D 90 -5.52 -22.61 -21.86
CA TYR D 90 -4.19 -22.95 -22.33
C TYR D 90 -4.09 -24.45 -22.48
N ALA D 91 -3.91 -24.91 -23.72
CA ALA D 91 -3.69 -26.32 -24.03
C ALA D 91 -2.23 -26.66 -23.77
N PHE D 92 -1.97 -27.52 -22.77
CA PHE D 92 -0.61 -27.89 -22.37
C PHE D 92 0.14 -28.65 -23.47
N LYS D 105 -0.71 -34.04 -35.33
CA LYS D 105 -1.58 -34.25 -36.49
C LYS D 105 -3.05 -34.28 -36.09
N PHE D 106 -3.37 -35.18 -35.16
CA PHE D 106 -4.73 -35.26 -34.58
C PHE D 106 -5.05 -34.04 -33.72
N ILE D 107 -4.04 -33.49 -33.05
CA ILE D 107 -4.19 -32.29 -32.23
C ILE D 107 -4.45 -31.04 -33.08
N MET D 108 -3.72 -30.89 -34.19
CA MET D 108 -3.92 -29.76 -35.12
C MET D 108 -5.24 -29.81 -35.90
N ASN D 109 -5.89 -30.97 -35.91
CA ASN D 109 -7.27 -31.09 -36.41
C ASN D 109 -8.34 -30.66 -35.39
N LEU D 110 -7.99 -30.55 -34.10
CA LEU D 110 -8.97 -30.27 -33.04
C LEU D 110 -9.66 -28.91 -33.17
N PRO D 111 -8.91 -27.85 -33.55
CA PRO D 111 -9.56 -26.57 -33.85
C PRO D 111 -10.57 -26.61 -35.01
N VAL D 112 -10.29 -27.43 -36.03
CA VAL D 112 -11.23 -27.61 -37.14
C VAL D 112 -12.47 -28.34 -36.65
N GLU D 113 -12.24 -29.41 -35.88
CA GLU D 113 -13.30 -30.21 -35.27
C GLU D 113 -14.13 -29.39 -34.26
N PHE D 114 -13.44 -28.51 -33.53
CA PHE D 114 -14.07 -27.57 -32.60
C PHE D 114 -14.96 -26.57 -33.34
N TYR D 115 -14.45 -26.02 -34.44
CA TYR D 115 -15.23 -25.09 -35.28
C TYR D 115 -16.50 -25.73 -35.85
N ASP D 116 -16.41 -26.99 -36.27
CA ASP D 116 -17.55 -27.67 -36.90
C ASP D 116 -18.63 -28.09 -35.90
N ASN D 117 -18.21 -28.65 -34.76
CA ASN D 117 -19.10 -29.34 -33.82
C ASN D 117 -19.49 -28.58 -32.55
N TYR D 118 -18.73 -27.54 -32.20
CA TYR D 118 -18.92 -26.82 -30.93
C TYR D 118 -19.18 -25.30 -31.07
N VAL D 119 -18.48 -24.65 -31.99
CA VAL D 119 -18.55 -23.19 -32.15
C VAL D 119 -19.96 -22.63 -32.43
N PRO D 120 -20.76 -23.31 -33.28
CA PRO D 120 -22.13 -22.83 -33.51
C PRO D 120 -22.95 -22.69 -32.23
N GLU D 121 -22.87 -23.68 -31.35
CA GLU D 121 -23.57 -23.61 -30.06
C GLU D 121 -23.04 -22.48 -29.17
N LEU D 122 -21.73 -22.30 -29.14
CA LEU D 122 -21.12 -21.18 -28.40
C LEU D 122 -21.55 -19.83 -28.97
N HIS D 123 -21.64 -19.75 -30.30
CA HIS D 123 -22.15 -18.55 -30.97
C HIS D 123 -23.62 -18.27 -30.59
N ALA D 124 -24.45 -19.32 -30.57
CA ALA D 124 -25.85 -19.20 -30.13
C ALA D 124 -25.98 -18.75 -28.67
N ASN D 125 -25.00 -19.11 -27.84
CA ASN D 125 -24.90 -18.62 -26.46
C ASN D 125 -24.25 -17.24 -26.27
N ASN D 126 -23.99 -16.52 -27.36
CA ASN D 126 -23.41 -15.18 -27.33
C ASN D 126 -21.97 -15.15 -26.75
N VAL D 127 -21.21 -16.21 -26.99
CA VAL D 127 -19.80 -16.29 -26.59
C VAL D 127 -18.89 -15.76 -27.70
N LYS D 128 -17.97 -14.87 -27.33
CA LYS D 128 -17.00 -14.32 -28.26
C LYS D 128 -15.72 -15.12 -28.16
N ILE D 129 -15.20 -15.58 -29.30
CA ILE D 129 -14.01 -16.41 -29.35
C ILE D 129 -12.85 -15.60 -29.91
N GLN D 130 -11.78 -15.49 -29.11
CA GLN D 130 -10.54 -14.87 -29.54
C GLN D 130 -9.38 -15.83 -29.24
N MET D 131 -8.23 -15.57 -29.84
CA MET D 131 -7.03 -16.35 -29.58
CA MET D 131 -7.03 -16.35 -29.59
C MET D 131 -5.83 -15.45 -29.33
N ILE D 132 -4.89 -15.95 -28.51
CA ILE D 132 -3.62 -15.26 -28.24
C ILE D 132 -2.49 -16.26 -28.46
N GLY D 133 -1.33 -15.73 -28.81
CA GLY D 133 -0.17 -16.53 -29.15
C GLY D 133 0.18 -16.38 -30.60
N GLU D 134 1.15 -17.17 -31.04
CA GLU D 134 1.68 -17.04 -32.40
C GLU D 134 0.88 -17.97 -33.31
N THR D 135 -0.37 -17.55 -33.54
CA THR D 135 -1.37 -18.36 -34.22
C THR D 135 -1.07 -18.57 -35.70
N ASP D 136 -0.40 -17.60 -36.31
CA ASP D 136 -0.02 -17.69 -37.73
C ASP D 136 0.99 -18.80 -38.06
N ARG D 137 1.73 -19.28 -37.05
CA ARG D 137 2.65 -20.43 -37.21
C ARG D 137 1.96 -21.79 -37.30
N LEU D 138 0.69 -21.87 -36.93
CA LEU D 138 -0.06 -23.13 -36.98
C LEU D 138 -0.28 -23.58 -38.43
N PRO D 139 -0.64 -24.86 -38.64
CA PRO D 139 -1.03 -25.33 -39.98
C PRO D 139 -2.18 -24.48 -40.60
N LYS D 140 -2.15 -24.32 -41.91
CA LYS D 140 -3.08 -23.44 -42.64
C LYS D 140 -4.54 -23.69 -42.25
N GLN D 141 -5.02 -24.92 -42.45
CA GLN D 141 -6.39 -25.30 -42.12
C GLN D 141 -6.75 -25.00 -40.66
N THR D 142 -5.79 -25.19 -39.76
CA THR D 142 -5.98 -24.93 -38.34
C THR D 142 -6.18 -23.44 -38.05
N PHE D 143 -5.31 -22.61 -38.61
CA PHE D 143 -5.40 -21.15 -38.51
C PHE D 143 -6.69 -20.60 -39.11
N GLU D 144 -7.08 -21.15 -40.25
CA GLU D 144 -8.31 -20.73 -40.94
C GLU D 144 -9.60 -21.10 -40.16
N ALA D 145 -9.61 -22.25 -39.52
CA ALA D 145 -10.75 -22.67 -38.67
C ALA D 145 -10.91 -21.76 -37.45
N LEU D 146 -9.79 -21.42 -36.82
CA LEU D 146 -9.78 -20.47 -35.69
C LEU D 146 -10.16 -19.06 -36.11
N THR D 147 -9.71 -18.63 -37.28
CA THR D 147 -10.07 -17.31 -37.82
C THR D 147 -11.58 -17.23 -38.10
N LYS D 148 -12.14 -18.28 -38.69
CA LYS D 148 -13.60 -18.38 -38.93
C LYS D 148 -14.43 -18.34 -37.63
N ALA D 149 -13.96 -19.04 -36.59
CA ALA D 149 -14.62 -18.97 -35.26
C ALA D 149 -14.55 -17.56 -34.67
N GLU D 150 -13.43 -16.89 -34.93
CA GLU D 150 -13.20 -15.50 -34.48
C GLU D 150 -14.18 -14.53 -35.16
N GLU D 151 -14.21 -14.59 -36.49
CA GLU D 151 -15.08 -13.74 -37.33
C GLU D 151 -16.57 -13.98 -37.08
N LEU D 152 -16.96 -15.24 -36.94
CA LEU D 152 -18.34 -15.62 -36.61
C LEU D 152 -18.81 -14.92 -35.33
N THR D 153 -17.97 -14.93 -34.31
CA THR D 153 -18.36 -14.50 -32.96
C THR D 153 -17.94 -13.07 -32.58
N LYS D 154 -17.37 -12.30 -33.50
CA LYS D 154 -16.73 -11.01 -33.13
C LYS D 154 -17.65 -9.92 -32.59
N ASN D 155 -18.94 -9.99 -32.89
CA ASN D 155 -19.91 -9.03 -32.38
C ASN D 155 -20.58 -9.47 -31.07
N ASN D 156 -20.24 -10.67 -30.57
CA ASN D 156 -20.91 -11.21 -29.40
C ASN D 156 -20.53 -10.44 -28.13
N THR D 157 -21.49 -10.30 -27.23
CA THR D 157 -21.36 -9.46 -26.04
C THR D 157 -21.38 -10.22 -24.71
N GLY D 158 -21.29 -11.55 -24.77
CA GLY D 158 -21.24 -12.38 -23.57
C GLY D 158 -19.81 -12.71 -23.21
N LEU D 159 -19.61 -13.86 -22.54
CA LEU D 159 -18.29 -14.36 -22.18
C LEU D 159 -17.31 -14.32 -23.35
N ILE D 160 -16.05 -13.96 -23.07
CA ILE D 160 -14.97 -14.08 -24.03
C ILE D 160 -14.22 -15.37 -23.76
N LEU D 161 -14.23 -16.29 -24.73
CA LEU D 161 -13.41 -17.50 -24.70
C LEU D 161 -12.12 -17.20 -25.43
N ASN D 162 -11.04 -17.08 -24.65
CA ASN D 162 -9.73 -16.66 -25.14
C ASN D 162 -8.78 -17.88 -25.17
N PHE D 163 -8.53 -18.40 -26.37
CA PHE D 163 -7.66 -19.58 -26.57
C PHE D 163 -6.20 -19.18 -26.62
N ALA D 164 -5.38 -19.66 -25.69
CA ALA D 164 -3.92 -19.48 -25.77
C ALA D 164 -3.33 -20.65 -26.56
N LEU D 165 -3.01 -20.39 -27.82
CA LEU D 165 -2.54 -21.42 -28.74
C LEU D 165 -1.21 -21.00 -29.30
N ASN D 166 -0.27 -21.93 -29.31
CA ASN D 166 1.12 -21.64 -29.67
C ASN D 166 1.63 -20.42 -28.88
N TYR D 167 1.37 -20.46 -27.58
CA TYR D 167 1.55 -19.34 -26.67
C TYR D 167 2.65 -19.66 -25.67
N GLY D 168 3.51 -18.68 -25.42
CA GLY D 168 4.45 -18.69 -24.30
C GLY D 168 4.56 -17.29 -23.72
N GLY D 169 4.52 -17.19 -22.39
CA GLY D 169 4.61 -15.91 -21.68
C GLY D 169 5.85 -15.08 -21.97
N ARG D 170 7.01 -15.70 -21.82
CA ARG D 170 8.27 -15.05 -22.14
C ARG D 170 8.34 -14.59 -23.60
N ALA D 171 7.90 -15.45 -24.51
CA ALA D 171 7.83 -15.09 -25.95
C ALA D 171 6.86 -13.92 -26.19
N GLU D 172 5.73 -13.90 -25.47
CA GLU D 172 4.78 -12.78 -25.52
C GLU D 172 5.43 -11.47 -25.08
N ILE D 173 6.10 -11.49 -23.93
CA ILE D 173 6.78 -10.31 -23.40
C ILE D 173 7.88 -9.84 -24.34
N THR D 174 8.63 -10.80 -24.90
CA THR D 174 9.69 -10.51 -25.87
C THR D 174 9.17 -9.81 -27.11
N GLN D 175 8.06 -10.32 -27.66
CA GLN D 175 7.39 -9.69 -28.80
C GLN D 175 6.91 -8.27 -28.49
N ALA D 176 6.42 -8.03 -27.27
CA ALA D 176 5.99 -6.69 -26.86
C ALA D 176 7.17 -5.71 -26.73
N LEU D 177 8.23 -6.13 -26.04
CA LEU D 177 9.42 -5.29 -25.85
C LEU D 177 10.13 -4.99 -27.18
N LYS D 178 10.04 -5.93 -28.12
CA LYS D 178 10.50 -5.74 -29.49
C LYS D 178 9.71 -4.65 -30.22
N LEU D 179 8.38 -4.74 -30.18
CA LEU D 179 7.52 -3.76 -30.87
C LEU D 179 7.59 -2.37 -30.23
N ILE D 180 7.73 -2.32 -28.91
CA ILE D 180 7.92 -1.04 -28.21
C ILE D 180 9.24 -0.38 -28.61
N SER D 181 10.31 -1.17 -28.67
CA SER D 181 11.64 -0.66 -29.04
C SER D 181 11.71 -0.18 -30.50
N GLN D 182 10.98 -0.83 -31.40
CA GLN D 182 10.85 -0.39 -32.79
C GLN D 182 10.14 0.97 -32.88
N ASP D 183 9.09 1.15 -32.09
CA ASP D 183 8.37 2.42 -32.00
C ASP D 183 9.21 3.52 -31.35
N VAL D 184 10.08 3.14 -30.41
CA VAL D 184 11.06 4.07 -29.83
C VAL D 184 12.06 4.53 -30.90
N LEU D 185 12.53 3.57 -31.71
CA LEU D 185 13.48 3.85 -32.79
C LEU D 185 12.87 4.72 -33.90
N ASP D 186 11.57 4.55 -34.16
CA ASP D 186 10.82 5.40 -35.12
C ASP D 186 10.22 6.67 -34.50
N ALA D 187 10.64 7.04 -33.29
CA ALA D 187 10.20 8.28 -32.61
C ALA D 187 8.70 8.38 -32.25
N LYS D 188 7.94 7.29 -32.42
CA LYS D 188 6.51 7.29 -32.09
C LYS D 188 6.29 7.29 -30.58
N ILE D 189 7.29 6.80 -29.84
CA ILE D 189 7.27 6.77 -28.38
C ILE D 189 8.61 7.24 -27.85
N ASN D 190 8.58 7.92 -26.69
CA ASN D 190 9.78 8.35 -25.98
C ASN D 190 10.17 7.25 -24.98
N PRO D 191 11.48 7.05 -24.71
CA PRO D 191 11.86 6.06 -23.68
C PRO D 191 11.36 6.39 -22.26
N GLY D 192 11.11 7.66 -21.97
CA GLY D 192 10.46 8.09 -20.73
C GLY D 192 8.99 7.71 -20.59
N ASP D 193 8.34 7.34 -21.70
CA ASP D 193 6.96 6.84 -21.69
C ASP D 193 6.82 5.32 -21.48
N ILE D 194 7.94 4.62 -21.31
CA ILE D 194 7.92 3.17 -21.07
C ILE D 194 7.49 2.90 -19.63
N THR D 195 6.27 2.36 -19.50
CA THR D 195 5.67 2.03 -18.21
C THR D 195 5.04 0.64 -18.28
N GLU D 196 4.60 0.16 -17.12
CA GLU D 196 3.89 -1.11 -17.01
C GLU D 196 2.58 -1.09 -17.80
N GLU D 197 1.94 0.08 -17.88
CA GLU D 197 0.67 0.23 -18.61
C GLU D 197 0.90 0.21 -20.13
N LEU D 198 1.98 0.83 -20.60
CA LEU D 198 2.39 0.73 -22.00
C LEU D 198 2.65 -0.72 -22.41
N ILE D 199 3.44 -1.45 -21.61
CA ILE D 199 3.74 -2.85 -21.89
C ILE D 199 2.45 -3.67 -22.04
N GLY D 200 1.49 -3.44 -21.14
CA GLY D 200 0.18 -4.08 -21.22
C GLY D 200 -0.57 -3.88 -22.52
N ASN D 201 -0.42 -2.69 -23.12
CA ASN D 201 -0.99 -2.39 -24.44
C ASN D 201 -0.36 -3.13 -25.62
N TYR D 202 0.83 -3.70 -25.43
CA TYR D 202 1.54 -4.45 -26.49
C TYR D 202 1.49 -5.97 -26.35
N LEU D 203 1.10 -6.47 -25.18
CA LEU D 203 0.94 -7.91 -24.96
C LEU D 203 -0.24 -8.42 -25.79
N PHE D 204 -0.30 -9.75 -25.99
CA PHE D 204 -1.38 -10.36 -26.78
C PHE D 204 -2.76 -10.17 -26.17
N THR D 205 -2.84 -9.95 -24.86
CA THR D 205 -4.10 -9.68 -24.15
C THR D 205 -4.62 -8.23 -24.30
N GLN D 206 -3.91 -7.39 -25.06
CA GLN D 206 -4.33 -6.01 -25.34
C GLN D 206 -5.76 -5.89 -25.90
N HIS D 207 -6.18 -6.84 -26.72
CA HIS D 207 -7.50 -6.79 -27.38
C HIS D 207 -8.67 -7.10 -26.44
N LEU D 208 -8.38 -7.64 -25.26
CA LEU D 208 -9.38 -7.70 -24.18
C LEU D 208 -9.59 -6.28 -23.64
N PRO D 209 -10.81 -5.97 -23.16
CA PRO D 209 -11.03 -4.64 -22.56
C PRO D 209 -10.12 -4.42 -21.35
N LYS D 210 -9.71 -3.17 -21.13
CA LYS D 210 -8.62 -2.85 -20.20
C LYS D 210 -8.76 -3.39 -18.77
N ASP D 211 -9.95 -3.26 -18.19
CA ASP D 211 -10.21 -3.78 -16.84
C ASP D 211 -10.24 -5.31 -16.72
N LEU D 212 -10.32 -6.02 -17.85
CA LEU D 212 -10.42 -7.49 -17.88
C LEU D 212 -9.17 -8.23 -18.41
N ARG D 213 -8.06 -7.52 -18.59
CA ARG D 213 -6.85 -8.13 -19.20
C ARG D 213 -6.16 -9.16 -18.31
N ASP D 214 -6.11 -8.87 -17.02
CA ASP D 214 -5.40 -9.70 -16.05
C ASP D 214 -6.34 -10.72 -15.37
N PRO D 215 -5.98 -12.02 -15.39
CA PRO D 215 -6.81 -13.00 -14.69
C PRO D 215 -6.89 -12.75 -13.19
N ASP D 216 -8.09 -12.87 -12.64
CA ASP D 216 -8.28 -12.74 -11.20
C ASP D 216 -7.94 -14.06 -10.52
N LEU D 217 -8.24 -15.16 -11.22
CA LEU D 217 -8.02 -16.51 -10.73
C LEU D 217 -7.37 -17.31 -11.84
N ILE D 218 -6.35 -18.09 -11.50
CA ILE D 218 -5.76 -19.04 -12.46
C ILE D 218 -5.92 -20.45 -11.90
N ILE D 219 -6.52 -21.31 -12.71
CA ILE D 219 -6.81 -22.69 -12.33
C ILE D 219 -5.86 -23.61 -13.06
N ARG D 220 -5.29 -24.56 -12.32
CA ARG D 220 -4.45 -25.59 -12.89
C ARG D 220 -5.00 -26.95 -12.51
N THR D 221 -5.17 -27.82 -13.51
CA THR D 221 -5.71 -29.16 -13.33
C THR D 221 -4.61 -30.23 -13.32
N SER D 222 -5.01 -31.47 -13.01
CA SER D 222 -4.14 -32.66 -13.08
C SER D 222 -2.99 -32.66 -12.07
N GLY D 223 -3.17 -32.01 -10.92
CA GLY D 223 -2.23 -32.09 -9.81
C GLY D 223 -0.87 -31.41 -9.92
N GLU D 224 -0.63 -30.70 -11.03
CA GLU D 224 0.64 -30.01 -11.27
C GLU D 224 0.70 -28.73 -10.45
N LEU D 225 1.74 -28.55 -9.65
CA LEU D 225 1.96 -27.29 -8.91
C LEU D 225 3.09 -26.54 -9.61
N ARG D 226 2.79 -26.15 -10.84
CA ARG D 226 3.74 -25.55 -11.79
C ARG D 226 3.06 -24.36 -12.43
N LEU D 227 3.88 -23.49 -13.02
CA LEU D 227 3.38 -22.29 -13.71
C LEU D 227 3.25 -22.42 -15.23
N SER D 228 4.18 -23.16 -15.84
CA SER D 228 4.21 -23.45 -17.28
C SER D 228 4.12 -22.26 -18.25
N ASN D 229 4.64 -21.10 -17.83
CA ASN D 229 4.83 -19.96 -18.73
C ASN D 229 3.49 -19.40 -19.28
N PHE D 230 2.47 -19.45 -18.42
CA PHE D 230 1.12 -19.00 -18.73
C PHE D 230 0.90 -17.67 -18.04
N LEU D 231 0.73 -16.62 -18.85
CA LEU D 231 0.41 -15.28 -18.39
C LEU D 231 1.29 -14.76 -17.22
N PRO D 232 2.64 -14.86 -17.35
CA PRO D 232 3.51 -14.39 -16.26
C PRO D 232 3.34 -12.90 -15.89
N TRP D 233 3.20 -12.04 -16.88
CA TRP D 233 2.92 -10.62 -16.64
C TRP D 233 1.51 -10.43 -16.09
N GLN D 234 0.53 -10.92 -16.84
CA GLN D 234 -0.87 -10.63 -16.58
C GLN D 234 -1.36 -11.29 -15.29
N GLY D 235 -0.82 -12.48 -14.98
CA GLY D 235 -1.14 -13.22 -13.77
C GLY D 235 -0.25 -12.99 -12.55
N ALA D 236 0.54 -11.91 -12.56
CA ALA D 236 1.49 -11.62 -11.48
C ALA D 236 0.87 -11.53 -10.08
N TYR D 237 -0.38 -11.06 -10.00
CA TYR D 237 -1.13 -10.99 -8.72
C TYR D 237 -2.33 -11.94 -8.60
N SER D 238 -2.50 -12.86 -9.55
CA SER D 238 -3.68 -13.70 -9.57
C SER D 238 -3.72 -14.67 -8.40
N GLU D 239 -4.94 -14.93 -7.91
CA GLU D 239 -5.17 -16.06 -7.02
C GLU D 239 -4.94 -17.33 -7.82
N LEU D 240 -4.20 -18.27 -7.25
CA LEU D 240 -3.96 -19.56 -7.89
C LEU D 240 -4.79 -20.63 -7.21
N TYR D 241 -5.39 -21.50 -8.01
CA TYR D 241 -6.14 -22.66 -7.52
C TYR D 241 -5.61 -23.90 -8.25
N PHE D 242 -5.21 -24.91 -7.47
CA PHE D 242 -4.71 -26.17 -8.00
C PHE D 242 -5.65 -27.30 -7.61
N THR D 243 -5.95 -28.18 -8.56
CA THR D 243 -6.78 -29.34 -8.31
C THR D 243 -6.20 -30.58 -9.00
N ASP D 244 -6.41 -31.73 -8.34
CA ASP D 244 -5.98 -33.04 -8.86
C ASP D 244 -6.89 -33.54 -9.98
N THR D 245 -8.08 -32.94 -10.10
CA THR D 245 -9.02 -33.28 -11.16
C THR D 245 -8.38 -33.17 -12.53
N LEU D 246 -8.56 -34.20 -13.35
CA LEU D 246 -8.04 -34.22 -14.72
C LEU D 246 -8.99 -33.40 -15.56
N TRP D 247 -8.46 -32.74 -16.59
CA TRP D 247 -9.25 -31.74 -17.35
C TRP D 247 -10.60 -32.27 -17.87
N PRO D 248 -10.62 -33.48 -18.45
CA PRO D 248 -11.91 -33.98 -18.97
C PRO D 248 -13.01 -34.16 -17.90
N ASP D 249 -12.62 -34.38 -16.64
CA ASP D 249 -13.55 -34.40 -15.51
C ASP D 249 -13.90 -33.02 -14.94
N PHE D 250 -13.22 -31.97 -15.41
CA PHE D 250 -13.48 -30.61 -14.93
C PHE D 250 -14.78 -30.07 -15.55
N ASP D 251 -15.77 -29.88 -14.70
CA ASP D 251 -17.13 -29.57 -15.10
C ASP D 251 -17.60 -28.34 -14.32
N GLU D 252 -18.90 -28.03 -14.40
CA GLU D 252 -19.46 -26.87 -13.70
C GLU D 252 -19.26 -26.94 -12.19
N ALA D 253 -19.38 -28.14 -11.62
CA ALA D 253 -19.13 -28.33 -10.19
C ALA D 253 -17.70 -27.95 -9.80
N ALA D 254 -16.73 -28.43 -10.58
CA ALA D 254 -15.32 -28.09 -10.35
C ALA D 254 -15.08 -26.59 -10.49
N LEU D 255 -15.69 -25.97 -11.50
CA LEU D 255 -15.63 -24.51 -11.70
C LEU D 255 -16.19 -23.75 -10.51
N GLN D 256 -17.36 -24.18 -10.05
CA GLN D 256 -18.03 -23.55 -8.90
C GLN D 256 -17.22 -23.67 -7.60
N GLU D 257 -16.57 -24.82 -7.40
CA GLU D 257 -15.67 -25.03 -6.26
C GLU D 257 -14.43 -24.14 -6.32
N ALA D 258 -13.89 -23.93 -7.53
CA ALA D 258 -12.77 -23.00 -7.71
C ALA D 258 -13.20 -21.56 -7.40
N ILE D 259 -14.36 -21.16 -7.89
CA ILE D 259 -14.93 -19.85 -7.59
C ILE D 259 -15.22 -19.70 -6.09
N LEU D 260 -15.70 -20.77 -5.45
CA LEU D 260 -15.94 -20.77 -4.01
C LEU D 260 -14.65 -20.56 -3.23
N ALA D 261 -13.60 -21.30 -3.59
CA ALA D 261 -12.28 -21.12 -3.00
C ALA D 261 -11.76 -19.69 -3.18
N TYR D 262 -11.94 -19.13 -4.39
CA TYR D 262 -11.55 -17.75 -4.69
C TYR D 262 -12.20 -16.71 -3.78
N ASN D 263 -13.50 -16.83 -3.55
CA ASN D 263 -14.23 -15.91 -2.67
C ASN D 263 -13.82 -15.99 -1.20
N ARG D 264 -13.45 -17.19 -0.75
CA ARG D 264 -12.95 -17.41 0.62
C ARG D 264 -11.52 -16.88 0.87
N ARG D 265 -10.78 -16.55 -0.20
CA ARG D 265 -9.42 -15.97 -0.06
C ARG D 265 -9.51 -14.59 0.59
N HIS D 266 -10.43 -13.76 0.11
CA HIS D 266 -10.67 -12.44 0.68
C HIS D 266 -12.04 -11.93 0.28
#